data_3LLR
#
_entry.id   3LLR
#
_cell.length_a   67.110
_cell.length_b   83.990
_cell.length_c   74.590
_cell.angle_alpha   90.00
_cell.angle_beta   90.48
_cell.angle_gamma   90.00
#
_symmetry.space_group_name_H-M   'P 1 21 1'
#
loop_
_entity.id
_entity.type
_entity.pdbx_description
1 polymer 'DNA (cytosine-5)-methyltransferase 3A'
2 non-polymer 2-[BIS-(2-HYDROXY-ETHYL)-AMINO]-2-HYDROXYMETHYL-PROPANE-1,3-DIOL
3 non-polymer 'SULFATE ION'
4 water water
#
_entity_poly.entity_id   1
_entity_poly.type   'polypeptide(L)'
_entity_poly.pdbx_seq_one_letter_code
;GTKAGDDEPEYEDGRGFGIGELVWGKLRGFSWWPGRIVSWWMTGRSRAAEGTRWVMWFGDGKFSVVCVEKLMPLSSFCSA
FHQATYNKQPMYRKAIYEVLQVASSRAGKLFPVCHDSDESDTAKAVEVQNKPMIEWALGGFQPSGPKGLEPPEE
;
_entity_poly.pdbx_strand_id   A,B,C,D,E
#
loop_
_chem_comp.id
_chem_comp.type
_chem_comp.name
_chem_comp.formula
BTB non-polymer 2-[BIS-(2-HYDROXY-ETHYL)-AMINO]-2-HYDROXYMETHYL-PROPANE-1,3-DIOL 'C8 H19 N O5'
SO4 non-polymer 'SULFATE ION' 'O4 S -2'
#
# COMPACT_ATOMS: atom_id res chain seq x y z
N GLU A 10 41.95 -16.84 -1.81
CA GLU A 10 40.56 -16.88 -2.36
C GLU A 10 40.48 -16.11 -3.67
N TYR A 11 39.76 -16.70 -4.64
CA TYR A 11 39.50 -16.09 -5.95
C TYR A 11 40.76 -15.85 -6.80
N GLU A 12 41.81 -16.62 -6.55
CA GLU A 12 43.06 -16.49 -7.30
C GLU A 12 43.06 -17.46 -8.49
N ASP A 13 42.07 -17.31 -9.37
CA ASP A 13 41.91 -18.19 -10.53
C ASP A 13 42.10 -17.45 -11.85
N GLY A 14 42.49 -16.18 -11.76
CA GLY A 14 42.74 -15.35 -12.94
C GLY A 14 41.50 -14.84 -13.65
N ARG A 15 40.34 -15.02 -13.03
CA ARG A 15 39.07 -14.61 -13.64
C ARG A 15 38.62 -13.21 -13.21
N GLY A 16 39.36 -12.59 -12.30
CA GLY A 16 39.07 -11.24 -11.84
C GLY A 16 38.00 -11.17 -10.77
N PHE A 17 37.25 -10.07 -10.75
CA PHE A 17 36.16 -9.84 -9.80
C PHE A 17 36.53 -10.22 -8.36
N GLY A 18 37.59 -9.58 -7.85
CA GLY A 18 38.04 -9.80 -6.48
C GLY A 18 37.14 -9.18 -5.45
N ILE A 19 37.38 -9.52 -4.18
CA ILE A 19 36.60 -9.05 -3.04
C ILE A 19 36.45 -7.53 -3.00
N GLY A 20 35.22 -7.07 -2.77
CA GLY A 20 34.93 -5.65 -2.64
C GLY A 20 34.52 -4.95 -3.92
N GLU A 21 34.65 -5.63 -5.06
CA GLU A 21 34.30 -5.03 -6.35
C GLU A 21 32.78 -4.94 -6.50
N LEU A 22 32.32 -3.76 -6.91
CA LEU A 22 30.91 -3.52 -7.17
C LEU A 22 30.59 -4.06 -8.56
N VAL A 23 29.54 -4.87 -8.64
CA VAL A 23 29.26 -5.62 -9.86
C VAL A 23 27.79 -5.62 -10.26
N TRP A 24 27.54 -5.99 -11.51
CA TRP A 24 26.23 -6.43 -11.96
C TRP A 24 26.28 -7.94 -12.04
N GLY A 25 25.23 -8.59 -11.54
CA GLY A 25 25.15 -10.05 -11.52
C GLY A 25 23.86 -10.57 -12.13
N LYS A 26 23.97 -11.65 -12.89
CA LYS A 26 22.85 -12.16 -13.66
C LYS A 26 22.52 -13.60 -13.30
N LEU A 27 21.33 -13.79 -12.73
CA LEU A 27 20.78 -15.12 -12.48
C LEU A 27 19.62 -15.37 -13.44
N ARG A 28 19.34 -16.64 -13.72
CA ARG A 28 18.25 -17.02 -14.62
C ARG A 28 16.90 -16.57 -14.05
N GLY A 29 16.14 -15.84 -14.85
CA GLY A 29 14.80 -15.39 -14.48
C GLY A 29 14.75 -14.02 -13.84
N PHE A 30 15.90 -13.35 -13.76
CA PHE A 30 16.00 -12.02 -13.14
C PHE A 30 16.89 -11.10 -13.96
N SER A 31 16.61 -9.80 -13.89
CA SER A 31 17.43 -8.79 -14.56
C SER A 31 18.82 -8.69 -13.93
N TRP A 32 19.78 -8.13 -14.67
CA TRP A 32 21.07 -7.77 -14.11
C TRP A 32 20.85 -6.96 -12.84
N TRP A 33 21.49 -7.36 -11.75
CA TRP A 33 21.22 -6.79 -10.44
C TRP A 33 22.52 -6.34 -9.76
N PRO A 34 22.50 -5.16 -9.12
CA PRO A 34 23.68 -4.64 -8.44
C PRO A 34 24.08 -5.48 -7.22
N GLY A 35 25.38 -5.72 -7.08
CA GLY A 35 25.92 -6.46 -5.95
C GLY A 35 27.37 -6.12 -5.69
N ARG A 36 27.93 -6.67 -4.61
CA ARG A 36 29.36 -6.60 -4.37
C ARG A 36 29.93 -7.98 -4.06
N ILE A 37 31.15 -8.21 -4.55
CA ILE A 37 31.87 -9.45 -4.30
C ILE A 37 32.29 -9.51 -2.84
N VAL A 38 31.94 -10.61 -2.17
CA VAL A 38 32.36 -10.84 -0.79
C VAL A 38 33.13 -12.15 -0.67
N SER A 39 33.86 -12.29 0.43
CA SER A 39 34.50 -13.56 0.78
C SER A 39 33.44 -14.55 1.25
N TRP A 40 33.73 -15.84 1.13
CA TRP A 40 32.80 -16.90 1.48
C TRP A 40 32.41 -16.91 2.95
N TRP A 41 33.29 -16.45 3.83
CA TRP A 41 33.03 -16.46 5.27
C TRP A 41 32.08 -15.33 5.74
N MET A 42 31.74 -14.41 4.83
CA MET A 42 30.73 -13.38 5.10
C MET A 42 29.33 -13.90 4.86
N THR A 43 29.22 -15.02 4.14
CA THR A 43 27.94 -15.53 3.65
C THR A 43 27.28 -16.49 4.64
N GLY A 44 28.10 -17.06 5.53
CA GLY A 44 27.65 -18.12 6.42
C GLY A 44 27.43 -19.40 5.65
N ARG A 45 28.25 -19.61 4.62
CA ARG A 45 28.17 -20.79 3.77
C ARG A 45 29.56 -21.38 3.55
N SER A 46 29.81 -21.95 2.38
CA SER A 46 31.11 -22.56 2.04
C SER A 46 31.75 -21.89 0.81
N ARG A 47 33.00 -22.25 0.54
CA ARG A 47 33.77 -21.69 -0.55
C ARG A 47 33.12 -21.88 -1.92
N ALA A 48 33.22 -20.84 -2.75
CA ALA A 48 32.74 -20.90 -4.12
C ALA A 48 33.71 -21.72 -4.97
N ALA A 49 33.15 -22.43 -5.95
CA ALA A 49 33.94 -23.21 -6.89
C ALA A 49 34.77 -22.28 -7.79
N GLU A 50 35.77 -22.85 -8.45
CA GLU A 50 36.61 -22.11 -9.40
C GLU A 50 35.75 -21.50 -10.50
N GLY A 51 36.07 -20.27 -10.89
CA GLY A 51 35.32 -19.56 -11.93
C GLY A 51 34.00 -18.98 -11.44
N THR A 52 33.79 -18.98 -10.13
CA THR A 52 32.57 -18.41 -9.53
C THR A 52 32.92 -17.47 -8.37
N ARG A 53 31.96 -16.63 -8.01
CA ARG A 53 32.13 -15.66 -6.93
C ARG A 53 30.89 -15.64 -6.02
N TRP A 54 31.11 -15.35 -4.75
CA TRP A 54 30.01 -15.00 -3.86
C TRP A 54 29.71 -13.52 -4.04
N VAL A 55 28.47 -13.22 -4.41
CA VAL A 55 28.01 -11.83 -4.41
C VAL A 55 26.89 -11.61 -3.38
N MET A 56 27.00 -10.48 -2.69
CA MET A 56 25.93 -10.01 -1.81
C MET A 56 25.17 -8.96 -2.60
N TRP A 57 23.91 -9.25 -2.89
CA TRP A 57 23.08 -8.33 -3.67
C TRP A 57 22.71 -7.13 -2.82
N PHE A 58 22.68 -5.96 -3.45
CA PHE A 58 22.08 -4.79 -2.82
C PHE A 58 20.56 -4.91 -2.93
N GLY A 59 19.84 -4.13 -2.12
CA GLY A 59 18.39 -4.25 -2.03
C GLY A 59 17.97 -5.03 -0.79
N ASP A 60 18.24 -6.34 -0.79
CA ASP A 60 17.86 -7.19 0.34
C ASP A 60 19.03 -7.96 0.98
N GLY A 61 20.21 -7.86 0.40
CA GLY A 61 21.43 -8.44 0.99
C GLY A 61 21.57 -9.95 0.93
N LYS A 62 20.84 -10.60 0.02
CA LYS A 62 20.97 -12.05 -0.18
C LYS A 62 22.34 -12.42 -0.78
N PHE A 63 22.76 -13.66 -0.55
CA PHE A 63 24.03 -14.16 -1.08
C PHE A 63 23.78 -15.19 -2.17
N SER A 64 24.60 -15.16 -3.21
CA SER A 64 24.53 -16.15 -4.30
C SER A 64 25.90 -16.43 -4.88
N VAL A 65 26.12 -17.70 -5.25
CA VAL A 65 27.28 -18.09 -6.06
C VAL A 65 26.94 -17.76 -7.51
N VAL A 66 27.79 -16.98 -8.16
CA VAL A 66 27.58 -16.57 -9.55
C VAL A 66 28.85 -16.79 -10.36
N CYS A 67 28.73 -17.45 -11.52
CA CYS A 67 29.84 -17.65 -12.45
CA CYS A 67 29.88 -17.64 -12.39
C CYS A 67 30.31 -16.30 -12.98
N VAL A 68 31.61 -16.17 -13.21
CA VAL A 68 32.18 -14.90 -13.69
C VAL A 68 31.62 -14.47 -15.05
N GLU A 69 31.16 -15.44 -15.84
CA GLU A 69 30.52 -15.19 -17.13
C GLU A 69 29.19 -14.45 -16.98
N LYS A 70 28.62 -14.47 -15.77
CA LYS A 70 27.38 -13.77 -15.48
C LYS A 70 27.65 -12.57 -14.57
N LEU A 71 28.88 -12.07 -14.61
CA LEU A 71 29.29 -10.88 -13.87
C LEU A 71 29.83 -9.81 -14.81
N MET A 72 29.46 -8.56 -14.52
CA MET A 72 30.04 -7.39 -15.19
C MET A 72 30.41 -6.39 -14.11
N PRO A 73 31.48 -5.59 -14.33
CA PRO A 73 31.79 -4.52 -13.38
C PRO A 73 30.67 -3.48 -13.37
N LEU A 74 30.58 -2.69 -12.29
CA LEU A 74 29.56 -1.65 -12.18
C LEU A 74 29.63 -0.65 -13.35
N SER A 75 30.85 -0.41 -13.81
CA SER A 75 31.14 0.50 -14.93
C SER A 75 30.39 0.17 -16.22
N SER A 76 29.97 -1.09 -16.36
CA SER A 76 29.13 -1.51 -17.48
C SER A 76 27.66 -1.14 -17.25
N PHE A 77 27.45 -0.03 -16.53
CA PHE A 77 26.14 0.47 -16.14
C PHE A 77 25.16 0.61 -17.31
N CYS A 78 25.61 1.21 -18.41
CA CYS A 78 24.74 1.50 -19.56
C CYS A 78 24.21 0.23 -20.25
N SER A 79 24.98 -0.84 -20.19
CA SER A 79 24.58 -2.13 -20.75
C SER A 79 23.63 -2.91 -19.84
N ALA A 80 23.80 -2.72 -18.53
CA ALA A 80 23.07 -3.53 -17.54
C ALA A 80 21.79 -2.88 -17.01
N PHE A 81 21.82 -1.56 -16.85
CA PHE A 81 20.69 -0.81 -16.31
C PHE A 81 19.44 -0.97 -17.18
N HIS A 82 18.36 -1.41 -16.54
CA HIS A 82 17.10 -1.70 -17.22
C HIS A 82 16.01 -0.78 -16.68
N GLN A 83 15.59 0.19 -17.52
CA GLN A 83 14.60 1.20 -17.14
C GLN A 83 13.26 0.61 -16.71
N ALA A 84 12.79 -0.41 -17.43
CA ALA A 84 11.52 -1.06 -17.14
C ALA A 84 11.50 -1.64 -15.73
N THR A 85 12.59 -2.30 -15.36
CA THR A 85 12.75 -2.87 -14.03
C THR A 85 12.75 -1.78 -12.97
N TYR A 86 13.47 -0.69 -13.25
CA TYR A 86 13.54 0.45 -12.34
C TYR A 86 12.16 1.03 -12.03
N ASN A 87 11.33 1.17 -13.06
CA ASN A 87 9.96 1.70 -12.90
C ASN A 87 9.05 0.84 -12.04
N LYS A 88 9.17 -0.48 -12.19
CA LYS A 88 8.21 -1.43 -11.61
C LYS A 88 8.64 -2.06 -10.27
N GLN A 89 9.93 -2.01 -9.97
CA GLN A 89 10.48 -2.70 -8.79
C GLN A 89 11.17 -1.75 -7.81
N PRO A 90 10.50 -1.45 -6.67
CA PRO A 90 11.06 -0.61 -5.61
C PRO A 90 12.39 -1.11 -5.04
N MET A 91 12.59 -2.43 -4.99
CA MET A 91 13.85 -2.99 -4.48
C MET A 91 15.02 -2.77 -5.44
N TYR A 92 14.71 -2.68 -6.74
CA TYR A 92 15.71 -2.37 -7.75
C TYR A 92 16.18 -0.91 -7.60
N ARG A 93 15.24 -0.01 -7.34
CA ARG A 93 15.57 1.38 -7.08
C ARG A 93 16.42 1.51 -5.82
N LYS A 94 16.09 0.72 -4.80
CA LYS A 94 16.88 0.64 -3.57
C LYS A 94 18.30 0.11 -3.83
N ALA A 95 18.41 -0.95 -4.63
CA ALA A 95 19.71 -1.53 -4.98
C ALA A 95 20.59 -0.55 -5.77
N ILE A 96 19.98 0.17 -6.71
CA ILE A 96 20.66 1.22 -7.48
C ILE A 96 21.16 2.31 -6.55
N TYR A 97 20.29 2.76 -5.65
CA TYR A 97 20.60 3.77 -4.65
C TYR A 97 21.82 3.36 -3.82
N GLU A 98 21.79 2.12 -3.32
CA GLU A 98 22.85 1.61 -2.46
C GLU A 98 24.19 1.49 -3.17
N VAL A 99 24.21 0.85 -4.34
CA VAL A 99 25.46 0.60 -5.07
C VAL A 99 26.13 1.91 -5.53
N LEU A 100 25.31 2.91 -5.84
CA LEU A 100 25.81 4.21 -6.28
C LEU A 100 26.21 5.10 -5.13
N GLN A 101 25.59 4.91 -3.96
CA GLN A 101 26.04 5.60 -2.74
C GLN A 101 27.45 5.13 -2.39
N VAL A 102 27.66 3.82 -2.46
CA VAL A 102 28.96 3.21 -2.17
C VAL A 102 29.99 3.62 -3.23
N ALA A 103 29.60 3.55 -4.50
CA ALA A 103 30.45 3.94 -5.62
C ALA A 103 30.89 5.41 -5.55
N SER A 104 29.95 6.30 -5.26
CA SER A 104 30.24 7.75 -5.19
C SER A 104 31.16 8.10 -4.02
N SER A 105 31.02 7.37 -2.92
CA SER A 105 31.89 7.52 -1.75
C SER A 105 33.35 7.19 -2.08
N ARG A 106 33.54 6.09 -2.81
CA ARG A 106 34.87 5.66 -3.25
C ARG A 106 35.50 6.64 -4.24
N ALA A 107 34.69 7.16 -5.14
CA ALA A 107 35.16 8.06 -6.20
C ALA A 107 35.35 9.50 -5.71
N GLY A 108 34.80 9.80 -4.55
CA GLY A 108 34.80 11.17 -4.02
C GLY A 108 33.85 12.07 -4.78
N LYS A 109 32.83 11.48 -5.40
CA LYS A 109 31.81 12.24 -6.12
C LYS A 109 30.70 12.65 -5.17
N LEU A 110 30.55 13.95 -4.98
CA LEU A 110 29.56 14.50 -4.07
C LEU A 110 28.32 15.00 -4.80
N PHE A 111 27.16 14.76 -4.19
CA PHE A 111 25.89 15.27 -4.70
C PHE A 111 25.27 16.18 -3.63
N PRO A 112 24.59 17.27 -4.06
CA PRO A 112 23.98 18.24 -3.14
C PRO A 112 23.24 17.61 -1.95
N ALA A 125 12.03 9.73 -1.82
CA ALA A 125 13.37 10.19 -1.43
C ALA A 125 14.47 9.44 -2.18
N VAL A 126 14.26 8.13 -2.36
CA VAL A 126 15.19 7.29 -3.12
C VAL A 126 15.14 7.66 -4.59
N GLU A 127 13.93 7.80 -5.13
CA GLU A 127 13.73 8.20 -6.53
C GLU A 127 14.36 9.56 -6.84
N VAL A 128 14.26 10.49 -5.90
CA VAL A 128 14.81 11.83 -6.05
C VAL A 128 16.34 11.80 -6.10
N GLN A 129 16.96 11.28 -5.05
CA GLN A 129 18.43 11.25 -4.92
C GLN A 129 19.12 10.40 -5.98
N ASN A 130 18.41 9.40 -6.49
CA ASN A 130 18.92 8.51 -7.54
C ASN A 130 19.26 9.21 -8.86
N LYS A 131 18.45 10.20 -9.23
CA LYS A 131 18.55 10.84 -10.54
C LYS A 131 19.92 11.46 -10.86
N PRO A 132 20.50 12.28 -9.95
CA PRO A 132 21.86 12.76 -10.20
C PRO A 132 22.91 11.64 -10.21
N MET A 133 22.69 10.63 -9.38
CA MET A 133 23.61 9.48 -9.29
C MET A 133 23.56 8.61 -10.54
N ILE A 134 22.36 8.40 -11.08
CA ILE A 134 22.18 7.65 -12.32
C ILE A 134 22.82 8.40 -13.51
N GLU A 135 22.58 9.71 -13.57
CA GLU A 135 23.18 10.59 -14.59
C GLU A 135 24.71 10.52 -14.53
N TRP A 136 25.25 10.55 -13.32
CA TRP A 136 26.68 10.36 -13.10
C TRP A 136 27.17 9.05 -13.70
N ALA A 137 26.49 7.96 -13.36
CA ALA A 137 26.80 6.63 -13.91
C ALA A 137 26.72 6.58 -15.43
N LEU A 138 25.64 7.12 -15.99
CA LEU A 138 25.41 7.13 -17.43
C LEU A 138 26.45 7.95 -18.18
N GLY A 139 26.92 9.01 -17.55
CA GLY A 139 27.91 9.91 -18.17
C GLY A 139 29.34 9.44 -18.08
N GLY A 140 29.55 8.21 -17.60
CA GLY A 140 30.88 7.62 -17.53
C GLY A 140 31.60 7.84 -16.22
N PHE A 141 30.83 8.09 -15.15
CA PHE A 141 31.36 8.30 -13.80
C PHE A 141 32.42 9.40 -13.74
N GLN A 142 32.16 10.50 -14.44
CA GLN A 142 33.08 11.65 -14.48
C GLN A 142 33.08 12.37 -13.14
N PRO A 143 34.25 12.90 -12.69
CA PRO A 143 35.54 12.97 -13.38
C PRO A 143 36.50 11.79 -13.16
N SER A 144 36.21 10.94 -12.18
CA SER A 144 37.10 9.83 -11.83
C SER A 144 37.16 8.73 -12.91
N GLY A 145 36.02 8.48 -13.55
CA GLY A 145 35.87 7.32 -14.43
C GLY A 145 35.71 6.04 -13.61
N PRO A 146 35.65 4.88 -14.28
CA PRO A 146 35.53 3.57 -13.63
C PRO A 146 36.59 3.28 -12.57
N LYS A 147 37.76 3.90 -12.70
CA LYS A 147 38.87 3.74 -11.75
C LYS A 147 38.51 4.18 -10.32
N GLY A 148 37.66 5.19 -10.21
CA GLY A 148 37.20 5.69 -8.91
C GLY A 148 36.26 4.75 -8.16
N LEU A 149 35.79 3.71 -8.84
CA LEU A 149 34.82 2.78 -8.28
C LEU A 149 35.47 1.60 -7.55
N GLU A 150 36.80 1.51 -7.65
CA GLU A 150 37.57 0.41 -7.08
C GLU A 150 37.61 0.48 -5.54
N PRO A 151 37.70 -0.69 -4.88
CA PRO A 151 37.87 -0.70 -3.42
C PRO A 151 39.11 0.08 -2.99
N PRO A 152 39.02 0.82 -1.87
CA PRO A 152 40.13 1.66 -1.41
C PRO A 152 41.29 0.83 -0.86
N PRO B 9 -35.95 -13.41 -39.47
CA PRO B 9 -35.90 -13.38 -37.98
C PRO B 9 -34.57 -13.85 -37.43
N GLU B 10 -34.00 -13.07 -36.52
CA GLU B 10 -32.69 -13.37 -35.94
C GLU B 10 -32.73 -13.44 -34.41
N TYR B 11 -32.03 -14.42 -33.86
CA TYR B 11 -31.90 -14.62 -32.41
C TYR B 11 -33.22 -14.97 -31.70
N GLU B 12 -34.04 -15.81 -32.34
CA GLU B 12 -35.30 -16.27 -31.75
C GLU B 12 -35.16 -17.68 -31.18
N ASP B 13 -34.32 -17.80 -30.14
CA ASP B 13 -34.04 -19.08 -29.49
C ASP B 13 -34.36 -19.04 -28.00
N GLY B 14 -35.00 -17.96 -27.56
CA GLY B 14 -35.41 -17.79 -26.16
C GLY B 14 -34.27 -17.57 -25.18
N ARG B 15 -33.11 -17.16 -25.68
CA ARG B 15 -31.92 -17.00 -24.84
C ARG B 15 -31.56 -15.53 -24.57
N GLY B 16 -32.41 -14.61 -25.02
CA GLY B 16 -32.21 -13.18 -24.80
C GLY B 16 -31.09 -12.59 -25.64
N PHE B 17 -30.35 -11.66 -25.05
CA PHE B 17 -29.26 -10.94 -25.74
C PHE B 17 -29.60 -10.56 -27.19
N GLY B 18 -30.69 -9.81 -27.35
CA GLY B 18 -31.14 -9.35 -28.66
C GLY B 18 -30.29 -8.24 -29.22
N ILE B 19 -30.56 -7.87 -30.47
CA ILE B 19 -29.83 -6.82 -31.18
C ILE B 19 -29.88 -5.50 -30.40
N GLY B 20 -28.71 -4.90 -30.19
CA GLY B 20 -28.62 -3.59 -29.56
C GLY B 20 -28.34 -3.62 -28.07
N GLU B 21 -28.38 -4.81 -27.47
CA GLU B 21 -28.05 -4.95 -26.06
C GLU B 21 -26.56 -4.76 -25.83
N LEU B 22 -26.23 -3.91 -24.85
CA LEU B 22 -24.85 -3.69 -24.43
C LEU B 22 -24.46 -4.82 -23.51
N VAL B 23 -23.30 -5.41 -23.78
CA VAL B 23 -22.90 -6.65 -23.12
C VAL B 23 -21.44 -6.67 -22.69
N TRP B 24 -21.13 -7.58 -21.77
CA TRP B 24 -19.77 -8.02 -21.51
C TRP B 24 -19.60 -9.37 -22.19
N GLY B 25 -18.48 -9.54 -22.89
CA GLY B 25 -18.20 -10.79 -23.59
C GLY B 25 -16.89 -11.41 -23.15
N LYS B 26 -16.87 -12.74 -23.03
CA LYS B 26 -15.69 -13.43 -22.54
C LYS B 26 -15.07 -14.36 -23.59
N LEU B 27 -13.81 -14.10 -23.89
CA LEU B 27 -12.98 -15.01 -24.66
C LEU B 27 -11.86 -15.52 -23.75
N ARG B 28 -11.51 -16.79 -23.92
CA ARG B 28 -10.48 -17.45 -23.12
C ARG B 28 -9.16 -16.68 -23.24
N GLY B 29 -8.56 -16.37 -22.10
CA GLY B 29 -7.27 -15.68 -22.05
C GLY B 29 -7.37 -14.16 -22.06
N PHE B 30 -8.60 -13.66 -22.15
CA PHE B 30 -8.87 -12.22 -22.16
C PHE B 30 -9.83 -11.85 -21.04
N SER B 31 -9.72 -10.63 -20.55
CA SER B 31 -10.66 -10.09 -19.59
C SER B 31 -12.03 -9.91 -20.25
N TRP B 32 -13.08 -9.87 -19.43
CA TRP B 32 -14.41 -9.51 -19.92
C TRP B 32 -14.32 -8.18 -20.67
N TRP B 33 -14.96 -8.11 -21.83
CA TRP B 33 -14.84 -6.96 -22.71
C TRP B 33 -16.20 -6.39 -23.12
N PRO B 34 -16.35 -5.06 -23.11
CA PRO B 34 -17.61 -4.43 -23.50
C PRO B 34 -17.87 -4.55 -24.99
N GLY B 35 -19.12 -4.82 -25.34
CA GLY B 35 -19.56 -4.88 -26.73
C GLY B 35 -21.05 -4.66 -26.87
N ARG B 36 -21.55 -4.78 -28.09
CA ARG B 36 -22.99 -4.76 -28.33
C ARG B 36 -23.40 -5.83 -29.33
N ILE B 37 -24.57 -6.41 -29.12
CA ILE B 37 -25.10 -7.44 -30.00
C ILE B 37 -25.51 -6.80 -31.33
N VAL B 38 -24.94 -7.32 -32.42
CA VAL B 38 -25.26 -6.83 -33.75
C VAL B 38 -25.89 -7.94 -34.59
N SER B 39 -26.48 -7.56 -35.72
CA SER B 39 -26.98 -8.50 -36.70
C SER B 39 -25.81 -9.11 -37.48
N TRP B 40 -26.02 -10.33 -37.99
CA TRP B 40 -24.98 -11.04 -38.73
C TRP B 40 -24.54 -10.34 -40.03
N TRP B 41 -25.49 -9.70 -40.72
CA TRP B 41 -25.20 -9.09 -42.02
C TRP B 41 -24.34 -7.83 -41.99
N MET B 42 -23.94 -7.39 -40.80
CA MET B 42 -22.99 -6.28 -40.69
C MET B 42 -21.59 -6.74 -40.25
N THR B 43 -21.40 -8.05 -40.13
CA THR B 43 -20.11 -8.63 -39.73
C THR B 43 -19.25 -9.00 -40.94
N GLY B 44 -19.91 -9.32 -42.06
CA GLY B 44 -19.23 -9.80 -43.25
C GLY B 44 -18.92 -11.28 -43.16
N ARG B 45 -19.63 -11.97 -42.27
CA ARG B 45 -19.47 -13.40 -42.05
C ARG B 45 -20.77 -14.13 -42.38
N SER B 46 -21.18 -15.05 -41.52
CA SER B 46 -22.42 -15.80 -41.71
C SER B 46 -23.32 -15.77 -40.49
N ARG B 47 -24.55 -16.25 -40.68
CA ARG B 47 -25.58 -16.31 -39.64
C ARG B 47 -25.09 -17.11 -38.44
N ALA B 48 -25.28 -16.55 -37.24
CA ALA B 48 -24.85 -17.21 -36.01
C ALA B 48 -25.72 -18.44 -35.73
N ALA B 49 -25.09 -19.47 -35.16
CA ALA B 49 -25.79 -20.68 -34.75
C ALA B 49 -26.68 -20.42 -33.53
N GLU B 50 -27.61 -21.33 -33.29
CA GLU B 50 -28.49 -21.29 -32.12
C GLU B 50 -27.69 -21.16 -30.82
N GLY B 51 -28.14 -20.27 -29.95
CA GLY B 51 -27.47 -20.03 -28.66
C GLY B 51 -26.18 -19.23 -28.74
N THR B 52 -25.86 -18.70 -29.92
CA THR B 52 -24.70 -17.81 -30.09
C THR B 52 -25.15 -16.44 -30.60
N ARG B 53 -24.30 -15.43 -30.40
CA ARG B 53 -24.59 -14.07 -30.84
C ARG B 53 -23.39 -13.43 -31.51
N TRP B 54 -23.64 -12.56 -32.49
CA TRP B 54 -22.59 -11.69 -33.02
C TRP B 54 -22.45 -10.47 -32.12
N VAL B 55 -21.23 -10.25 -31.63
CA VAL B 55 -20.91 -9.08 -30.82
C VAL B 55 -19.87 -8.23 -31.51
N MET B 56 -20.14 -6.93 -31.57
CA MET B 56 -19.15 -5.95 -31.99
C MET B 56 -18.50 -5.39 -30.73
N TRP B 57 -17.22 -5.66 -30.56
CA TRP B 57 -16.47 -5.19 -29.39
C TRP B 57 -16.25 -3.69 -29.45
N PHE B 58 -16.41 -3.01 -28.33
CA PHE B 58 -16.02 -1.61 -28.25
C PHE B 58 -14.50 -1.51 -28.10
N GLY B 59 -13.95 -0.34 -28.41
CA GLY B 59 -12.50 -0.18 -28.46
C GLY B 59 -12.01 -0.21 -29.90
N ASP B 60 -11.97 -1.39 -30.50
CA ASP B 60 -11.50 -1.53 -31.88
C ASP B 60 -12.55 -2.03 -32.88
N GLY B 61 -13.75 -2.29 -32.39
CA GLY B 61 -14.89 -2.62 -33.25
C GLY B 61 -14.82 -3.92 -34.01
N LYS B 62 -14.03 -4.88 -33.50
CA LYS B 62 -13.94 -6.20 -34.11
C LYS B 62 -15.20 -7.03 -33.85
N PHE B 63 -15.42 -8.04 -34.68
CA PHE B 63 -16.58 -8.92 -34.56
C PHE B 63 -16.18 -10.33 -34.11
N SER B 64 -16.95 -10.86 -33.16
CA SER B 64 -16.82 -12.26 -32.77
C SER B 64 -18.20 -12.86 -32.60
N VAL B 65 -18.31 -14.15 -32.92
CA VAL B 65 -19.49 -14.92 -32.56
C VAL B 65 -19.19 -15.58 -31.21
N VAL B 66 -20.12 -15.43 -30.27
CA VAL B 66 -19.91 -15.83 -28.88
C VAL B 66 -21.16 -16.51 -28.34
N CYS B 67 -20.96 -17.64 -27.65
CA CYS B 67 -22.05 -18.35 -26.95
C CYS B 67 -22.64 -17.46 -25.86
N VAL B 68 -23.95 -17.56 -25.65
CA VAL B 68 -24.64 -16.75 -24.65
C VAL B 68 -24.15 -17.02 -23.23
N GLU B 69 -23.60 -18.22 -23.02
CA GLU B 69 -22.99 -18.61 -21.75
C GLU B 69 -21.77 -17.76 -21.43
N LYS B 70 -21.15 -17.21 -22.47
CA LYS B 70 -19.99 -16.35 -22.32
C LYS B 70 -20.35 -14.87 -22.45
N LEU B 71 -21.64 -14.55 -22.28
CA LEU B 71 -22.11 -13.17 -22.29
C LEU B 71 -22.76 -12.77 -20.96
N MET B 72 -22.61 -11.49 -20.62
CA MET B 72 -23.31 -10.88 -19.48
C MET B 72 -23.83 -9.51 -19.92
N PRO B 73 -25.00 -9.09 -19.40
CA PRO B 73 -25.46 -7.73 -19.69
C PRO B 73 -24.51 -6.71 -19.09
N LEU B 74 -24.54 -5.48 -19.61
CA LEU B 74 -23.66 -4.42 -19.10
C LEU B 74 -23.83 -4.19 -17.59
N SER B 75 -25.06 -4.35 -17.10
CA SER B 75 -25.40 -4.15 -15.69
C SER B 75 -24.61 -5.03 -14.71
N SER B 76 -24.06 -6.14 -15.19
CA SER B 76 -23.17 -6.99 -14.39
C SER B 76 -21.76 -6.38 -14.36
N PHE B 77 -21.72 -5.04 -14.35
CA PHE B 77 -20.51 -4.23 -14.47
C PHE B 77 -19.46 -4.53 -13.40
N CYS B 78 -19.89 -4.59 -12.15
CA CYS B 78 -18.98 -4.77 -11.02
C CYS B 78 -18.27 -6.12 -11.01
N SER B 79 -18.92 -7.14 -11.54
CA SER B 79 -18.35 -8.48 -11.62
C SER B 79 -17.42 -8.65 -12.81
N ALA B 80 -17.61 -7.81 -13.83
CA ALA B 80 -16.87 -7.94 -15.09
C ALA B 80 -15.69 -6.97 -15.18
N PHE B 81 -15.88 -5.75 -14.69
CA PHE B 81 -14.85 -4.72 -14.71
C PHE B 81 -13.58 -5.22 -14.02
N HIS B 82 -12.44 -5.01 -14.67
CA HIS B 82 -11.14 -5.48 -14.17
C HIS B 82 -10.15 -4.34 -14.12
N GLN B 83 -9.84 -3.88 -12.91
CA GLN B 83 -9.00 -2.70 -12.67
C GLN B 83 -7.62 -2.78 -13.30
N ALA B 84 -6.98 -3.94 -13.18
CA ALA B 84 -5.64 -4.17 -13.73
C ALA B 84 -5.60 -3.98 -15.25
N THR B 85 -6.64 -4.46 -15.93
CA THR B 85 -6.80 -4.31 -17.37
C THR B 85 -7.02 -2.84 -17.73
N TYR B 86 -7.85 -2.16 -16.95
CA TYR B 86 -8.09 -0.72 -17.12
C TYR B 86 -6.80 0.07 -16.99
N ASN B 87 -6.02 -0.22 -15.95
CA ASN B 87 -4.75 0.46 -15.69
C ASN B 87 -3.73 0.30 -16.81
N LYS B 88 -3.71 -0.87 -17.44
CA LYS B 88 -2.66 -1.23 -18.39
C LYS B 88 -2.99 -1.01 -19.86
N GLN B 89 -4.25 -1.24 -20.24
CA GLN B 89 -4.67 -1.22 -21.65
C GLN B 89 -5.50 0.02 -22.00
N PRO B 90 -4.93 0.93 -22.82
CA PRO B 90 -5.66 2.11 -23.30
C PRO B 90 -6.90 1.78 -24.14
N MET B 91 -6.87 0.65 -24.85
CA MET B 91 -8.04 0.24 -25.64
C MET B 91 -9.21 -0.19 -24.75
N TYR B 92 -8.89 -0.75 -23.59
CA TYR B 92 -9.92 -1.13 -22.62
C TYR B 92 -10.62 0.10 -22.07
N ARG B 93 -9.84 1.12 -21.69
CA ARG B 93 -10.37 2.41 -21.24
C ARG B 93 -11.24 3.08 -22.31
N LYS B 94 -10.82 2.91 -23.57
CA LYS B 94 -11.56 3.42 -24.72
C LYS B 94 -12.90 2.69 -24.85
N ALA B 95 -12.88 1.37 -24.67
CA ALA B 95 -14.09 0.55 -24.73
C ALA B 95 -15.07 0.86 -23.60
N ILE B 96 -14.53 1.11 -22.40
CA ILE B 96 -15.33 1.52 -21.24
C ILE B 96 -15.99 2.87 -21.53
N TYR B 97 -15.18 3.81 -22.00
CA TYR B 97 -15.66 5.12 -22.45
C TYR B 97 -16.83 5.00 -23.41
N GLU B 98 -16.66 4.19 -24.45
CA GLU B 98 -17.62 4.06 -25.53
C GLU B 98 -18.92 3.41 -25.07
N VAL B 99 -18.83 2.31 -24.31
CA VAL B 99 -20.02 1.59 -23.88
C VAL B 99 -20.86 2.41 -22.90
N LEU B 100 -20.17 3.20 -22.07
CA LEU B 100 -20.84 4.03 -21.07
C LEU B 100 -21.44 5.30 -21.68
N GLN B 101 -20.83 5.81 -22.75
CA GLN B 101 -21.41 6.93 -23.50
C GLN B 101 -22.76 6.51 -24.10
N VAL B 102 -22.78 5.34 -24.73
CA VAL B 102 -24.01 4.79 -25.31
C VAL B 102 -25.03 4.48 -24.20
N ALA B 103 -24.57 3.84 -23.13
CA ALA B 103 -25.44 3.49 -22.00
C ALA B 103 -26.10 4.71 -21.35
N SER B 104 -25.30 5.73 -21.04
CA SER B 104 -25.81 6.95 -20.41
C SER B 104 -26.76 7.73 -21.31
N SER B 105 -26.50 7.69 -22.61
CA SER B 105 -27.39 8.29 -23.62
C SER B 105 -28.77 7.66 -23.60
N ARG B 106 -28.82 6.33 -23.51
CA ARG B 106 -30.08 5.59 -23.41
C ARG B 106 -30.81 5.89 -22.11
N ALA B 107 -30.05 5.96 -21.02
CA ALA B 107 -30.60 6.19 -19.68
C ALA B 107 -31.03 7.63 -19.44
N GLY B 108 -30.56 8.54 -20.29
CA GLY B 108 -30.79 9.96 -20.10
C GLY B 108 -29.94 10.53 -18.98
N LYS B 109 -28.86 9.82 -18.64
CA LYS B 109 -27.94 10.25 -17.59
C LYS B 109 -26.92 11.22 -18.17
N LEU B 110 -26.91 12.44 -17.63
CA LEU B 110 -26.04 13.51 -18.13
C LEU B 110 -24.71 13.62 -17.40
N PHE B 111 -23.65 13.86 -18.17
CA PHE B 111 -22.32 14.10 -17.62
C PHE B 111 -21.72 15.36 -18.24
N PRO B 112 -21.38 16.36 -17.40
CA PRO B 112 -20.82 17.63 -17.88
C PRO B 112 -19.40 17.49 -18.40
N ALA B 125 -9.47 14.11 -22.42
CA ALA B 125 -8.93 12.77 -22.20
C ALA B 125 -10.01 11.78 -21.77
N VAL B 126 -9.83 10.53 -22.17
CA VAL B 126 -10.77 9.45 -21.87
C VAL B 126 -10.79 9.13 -20.36
N GLU B 127 -9.61 9.10 -19.75
CA GLU B 127 -9.45 8.74 -18.34
C GLU B 127 -10.23 9.65 -17.38
N VAL B 128 -10.35 10.93 -17.75
CA VAL B 128 -11.02 11.92 -16.90
C VAL B 128 -12.55 11.83 -17.02
N GLN B 129 -13.04 11.76 -18.25
CA GLN B 129 -14.48 11.64 -18.52
C GLN B 129 -15.05 10.31 -18.03
N ASN B 130 -14.19 9.29 -17.95
CA ASN B 130 -14.59 7.96 -17.46
C ASN B 130 -14.94 7.92 -15.98
N LYS B 131 -14.27 8.76 -15.18
CA LYS B 131 -14.41 8.70 -13.73
C LYS B 131 -15.85 8.82 -13.22
N PRO B 132 -16.59 9.90 -13.60
CA PRO B 132 -18.00 9.95 -13.22
C PRO B 132 -18.88 8.88 -13.87
N MET B 133 -18.53 8.47 -15.09
CA MET B 133 -19.29 7.43 -15.79
C MET B 133 -19.14 6.06 -15.13
N ILE B 134 -17.92 5.73 -14.73
CA ILE B 134 -17.63 4.48 -14.00
C ILE B 134 -18.32 4.47 -12.64
N GLU B 135 -18.25 5.59 -11.91
CA GLU B 135 -18.94 5.75 -10.62
C GLU B 135 -20.45 5.52 -10.76
N TRP B 136 -21.03 6.02 -11.84
CA TRP B 136 -22.43 5.81 -12.16
C TRP B 136 -22.73 4.32 -12.32
N ALA B 137 -21.88 3.64 -13.09
CA ALA B 137 -22.00 2.20 -13.31
C ALA B 137 -21.88 1.42 -12.01
N LEU B 138 -20.84 1.71 -11.23
CA LEU B 138 -20.58 1.03 -9.96
C LEU B 138 -21.71 1.25 -8.96
N GLY B 139 -22.32 2.43 -9.01
CA GLY B 139 -23.42 2.79 -8.12
C GLY B 139 -24.77 2.17 -8.49
N GLY B 140 -24.78 1.35 -9.54
CA GLY B 140 -26.00 0.66 -9.99
C GLY B 140 -26.77 1.37 -11.09
N PHE B 141 -26.09 2.27 -11.80
CA PHE B 141 -26.69 3.06 -12.89
C PHE B 141 -27.91 3.88 -12.44
N GLN B 142 -27.79 4.53 -11.28
CA GLN B 142 -28.89 5.34 -10.71
C GLN B 142 -29.06 6.66 -11.47
N PRO B 143 -30.31 7.17 -11.59
CA PRO B 143 -31.56 6.67 -11.02
C PRO B 143 -32.32 5.63 -11.86
N SER B 144 -31.97 5.49 -13.13
CA SER B 144 -32.70 4.60 -14.03
C SER B 144 -32.59 3.13 -13.64
N GLY B 145 -31.42 2.74 -13.13
CA GLY B 145 -31.10 1.33 -12.92
C GLY B 145 -30.79 0.67 -14.24
N PRO B 146 -30.62 -0.67 -14.24
CA PRO B 146 -30.29 -1.42 -15.45
C PRO B 146 -31.29 -1.25 -16.61
N LYS B 147 -32.55 -0.96 -16.28
CA LYS B 147 -33.62 -0.85 -17.28
C LYS B 147 -33.43 0.32 -18.25
N GLY B 148 -32.67 1.33 -17.83
CA GLY B 148 -32.36 2.48 -18.67
C GLY B 148 -31.31 2.19 -19.74
N LEU B 149 -30.67 1.02 -19.66
CA LEU B 149 -29.58 0.65 -20.56
C LEU B 149 -30.05 -0.18 -21.75
N GLU B 150 -31.33 -0.56 -21.75
CA GLU B 150 -31.91 -1.39 -22.81
C GLU B 150 -32.03 -0.62 -24.12
N PRO B 151 -32.07 -1.34 -25.26
CA PRO B 151 -32.21 -0.69 -26.56
C PRO B 151 -33.50 0.13 -26.68
N PRO B 152 -33.41 1.34 -27.28
CA PRO B 152 -34.59 2.19 -27.51
C PRO B 152 -35.46 1.66 -28.65
N GLU C 10 2.11 -16.87 -1.50
CA GLU C 10 2.49 -15.84 -0.48
C GLU C 10 2.30 -16.36 0.95
N TYR C 11 3.33 -16.15 1.76
CA TYR C 11 3.35 -16.53 3.18
C TYR C 11 3.25 -18.05 3.42
N GLU C 12 3.65 -18.84 2.44
CA GLU C 12 3.58 -20.29 2.53
C GLU C 12 4.86 -20.87 3.16
N ASP C 13 5.14 -20.43 4.39
CA ASP C 13 6.32 -20.87 5.14
C ASP C 13 5.95 -21.67 6.38
N GLY C 14 4.65 -21.88 6.58
CA GLY C 14 4.15 -22.66 7.72
C GLY C 14 4.17 -21.91 9.05
N ARG C 15 4.49 -20.63 9.02
CA ARG C 15 4.60 -19.81 10.25
C ARG C 15 3.29 -19.17 10.68
N GLY C 16 2.20 -19.53 10.01
CA GLY C 16 0.87 -18.99 10.31
C GLY C 16 0.69 -17.58 9.80
N PHE C 17 -0.09 -16.78 10.54
CA PHE C 17 -0.35 -15.37 10.23
C PHE C 17 -0.67 -15.09 8.76
N GLY C 18 -1.70 -15.75 8.26
CA GLY C 18 -2.15 -15.58 6.88
C GLY C 18 -2.86 -14.25 6.66
N ILE C 19 -3.05 -13.90 5.39
CA ILE C 19 -3.75 -12.67 5.02
C ILE C 19 -5.11 -12.57 5.72
N GLY C 20 -5.43 -11.37 6.21
CA GLY C 20 -6.73 -11.10 6.82
C GLY C 20 -6.79 -11.31 8.32
N GLU C 21 -5.78 -11.95 8.89
CA GLU C 21 -5.74 -12.17 10.33
C GLU C 21 -5.49 -10.85 11.07
N LEU C 22 -6.27 -10.62 12.12
CA LEU C 22 -6.11 -9.44 12.96
C LEU C 22 -5.01 -9.71 13.98
N VAL C 23 -4.07 -8.78 14.10
CA VAL C 23 -2.87 -9.01 14.90
C VAL C 23 -2.48 -7.84 15.78
N TRP C 24 -1.61 -8.13 16.75
CA TRP C 24 -0.81 -7.12 17.40
C TRP C 24 0.59 -7.21 16.82
N GLY C 25 1.18 -6.07 16.48
CA GLY C 25 2.53 -6.04 15.94
C GLY C 25 3.46 -5.19 16.77
N LYS C 26 4.70 -5.62 16.87
CA LYS C 26 5.69 -4.95 17.69
C LYS C 26 6.87 -4.41 16.86
N LEU C 27 7.00 -3.09 16.82
CA LEU C 27 8.16 -2.42 16.22
C LEU C 27 9.01 -1.81 17.32
N ARG C 28 10.34 -1.78 17.09
CA ARG C 28 11.29 -1.22 18.05
C ARG C 28 10.94 0.21 18.47
N GLY C 29 10.80 0.41 19.77
CA GLY C 29 10.50 1.73 20.32
C GLY C 29 9.02 2.05 20.41
N PHE C 30 8.19 1.14 19.89
CA PHE C 30 6.73 1.34 19.85
C PHE C 30 5.97 0.29 20.62
N SER C 31 4.78 0.66 21.09
CA SER C 31 3.92 -0.28 21.82
C SER C 31 3.31 -1.28 20.85
N TRP C 32 2.98 -2.47 21.36
CA TRP C 32 2.19 -3.43 20.58
C TRP C 32 0.99 -2.70 19.98
N TRP C 33 0.81 -2.85 18.67
CA TRP C 33 -0.16 -2.06 17.93
C TRP C 33 -1.06 -2.96 17.08
N PRO C 34 -2.38 -2.68 17.07
CA PRO C 34 -3.33 -3.47 16.28
C PRO C 34 -3.12 -3.31 14.79
N GLY C 35 -3.24 -4.41 14.05
CA GLY C 35 -3.10 -4.39 12.59
C GLY C 35 -3.75 -5.58 11.93
N ARG C 36 -3.68 -5.63 10.61
CA ARG C 36 -4.12 -6.81 9.87
C ARG C 36 -3.09 -7.21 8.81
N ILE C 37 -2.95 -8.52 8.62
CA ILE C 37 -2.02 -9.06 7.63
C ILE C 37 -2.55 -8.78 6.22
N VAL C 38 -1.73 -8.13 5.41
CA VAL C 38 -2.08 -7.82 4.03
C VAL C 38 -1.08 -8.42 3.04
N SER C 39 -1.48 -8.50 1.78
CA SER C 39 -0.60 -8.92 0.71
C SER C 39 0.38 -7.79 0.38
N TRP C 40 1.57 -8.16 -0.10
CA TRP C 40 2.57 -7.18 -0.54
C TRP C 40 2.05 -6.35 -1.72
N TRP C 41 1.11 -6.91 -2.47
CA TRP C 41 0.57 -6.25 -3.67
C TRP C 41 -0.13 -4.92 -3.42
N MET C 42 -0.69 -4.74 -2.22
CA MET C 42 -1.37 -3.48 -1.89
C MET C 42 -0.48 -2.49 -1.14
N THR C 43 0.77 -2.87 -0.89
CA THR C 43 1.71 -2.00 -0.17
C THR C 43 2.44 -1.04 -1.09
N GLY C 44 2.68 -1.46 -2.33
CA GLY C 44 3.48 -0.69 -3.29
C GLY C 44 4.96 -0.79 -2.98
N ARG C 45 5.34 -1.82 -2.23
CA ARG C 45 6.73 -2.05 -1.89
C ARG C 45 7.21 -3.36 -2.54
N SER C 46 7.87 -4.21 -1.76
CA SER C 46 8.37 -5.49 -2.24
C SER C 46 7.80 -6.65 -1.44
N ARG C 47 7.89 -7.86 -2.00
CA ARG C 47 7.52 -9.08 -1.29
C ARG C 47 8.28 -9.18 0.02
N ALA C 48 7.59 -9.67 1.07
CA ALA C 48 8.21 -9.85 2.37
C ALA C 48 9.06 -11.11 2.38
N ALA C 49 10.24 -11.02 3.00
CA ALA C 49 11.14 -12.17 3.16
C ALA C 49 10.50 -13.25 4.02
N GLU C 50 10.99 -14.49 3.90
CA GLU C 50 10.41 -15.60 4.67
C GLU C 50 10.48 -15.32 6.18
N GLY C 51 9.44 -15.76 6.89
CA GLY C 51 9.35 -15.52 8.34
C GLY C 51 8.88 -14.13 8.71
N THR C 52 8.54 -13.33 7.69
CA THR C 52 8.05 -11.97 7.91
C THR C 52 6.69 -11.76 7.24
N ARG C 53 5.96 -10.74 7.69
CA ARG C 53 4.63 -10.43 7.16
C ARG C 53 4.46 -8.93 6.93
N TRP C 54 3.67 -8.59 5.94
CA TRP C 54 3.21 -7.21 5.76
C TRP C 54 1.98 -6.98 6.63
N VAL C 55 2.06 -5.95 7.47
CA VAL C 55 0.91 -5.54 8.28
C VAL C 55 0.52 -4.10 8.00
N MET C 56 -0.76 -3.89 7.78
CA MET C 56 -1.35 -2.57 7.69
C MET C 56 -1.85 -2.22 9.08
N TRP C 57 -1.31 -1.14 9.64
CA TRP C 57 -1.65 -0.73 10.99
C TRP C 57 -3.01 -0.05 11.01
N PHE C 58 -3.82 -0.38 12.00
CA PHE C 58 -5.02 0.40 12.26
C PHE C 58 -4.62 1.72 12.89
N GLY C 59 -5.48 2.73 12.73
CA GLY C 59 -5.17 4.08 13.16
C GLY C 59 -4.84 4.95 11.96
N ASP C 60 -3.66 4.74 11.38
CA ASP C 60 -3.20 5.57 10.27
C ASP C 60 -2.95 4.81 8.96
N GLY C 61 -3.07 3.49 9.01
CA GLY C 61 -3.01 2.65 7.81
C GLY C 61 -1.65 2.43 7.18
N LYS C 62 -0.58 2.67 7.94
CA LYS C 62 0.78 2.51 7.42
C LYS C 62 1.14 1.04 7.25
N PHE C 63 2.15 0.78 6.42
CA PHE C 63 2.59 -0.57 6.10
C PHE C 63 3.97 -0.85 6.71
N SER C 64 4.13 -2.04 7.26
CA SER C 64 5.41 -2.45 7.85
C SER C 64 5.67 -3.94 7.66
N VAL C 65 6.92 -4.29 7.36
CA VAL C 65 7.38 -5.67 7.39
C VAL C 65 7.69 -5.99 8.85
N VAL C 66 7.10 -7.06 9.35
CA VAL C 66 7.31 -7.48 10.73
C VAL C 66 7.57 -8.98 10.76
N CYS C 67 8.61 -9.40 11.49
CA CYS C 67 8.90 -10.81 11.70
CA CYS C 67 8.89 -10.81 11.67
C CYS C 67 7.79 -11.44 12.53
N VAL C 68 7.48 -12.70 12.27
CA VAL C 68 6.39 -13.39 12.99
C VAL C 68 6.63 -13.46 14.50
N GLU C 69 7.90 -13.38 14.91
CA GLU C 69 8.27 -13.34 16.33
C GLU C 69 7.75 -12.09 17.02
N LYS C 70 7.51 -11.04 16.23
CA LYS C 70 7.02 -9.77 16.75
C LYS C 70 5.54 -9.56 16.41
N LEU C 71 4.85 -10.68 16.17
CA LEU C 71 3.43 -10.68 15.89
C LEU C 71 2.70 -11.59 16.86
N MET C 72 1.51 -11.16 17.28
CA MET C 72 0.62 -11.97 18.10
C MET C 72 -0.78 -11.91 17.50
N PRO C 73 -1.58 -12.98 17.65
CA PRO C 73 -3.00 -12.87 17.28
C PRO C 73 -3.70 -11.83 18.15
N LEU C 74 -4.77 -11.23 17.62
CA LEU C 74 -5.55 -10.24 18.37
C LEU C 74 -6.02 -10.81 19.71
N SER C 75 -6.33 -12.10 19.71
CA SER C 75 -6.79 -12.83 20.90
C SER C 75 -5.82 -12.77 22.09
N SER C 76 -4.56 -12.43 21.82
CA SER C 76 -3.60 -12.16 22.90
C SER C 76 -3.77 -10.72 23.38
N PHE C 77 -5.03 -10.34 23.58
CA PHE C 77 -5.42 -8.95 23.87
C PHE C 77 -4.90 -8.47 25.23
N CYS C 78 -5.08 -9.28 26.26
CA CYS C 78 -4.70 -8.89 27.62
C CYS C 78 -3.19 -8.75 27.80
N SER C 79 -2.42 -9.49 27.00
CA SER C 79 -0.97 -9.37 26.99
C SER C 79 -0.53 -8.06 26.33
N ALA C 80 -1.18 -7.70 25.23
CA ALA C 80 -0.74 -6.58 24.38
C ALA C 80 -1.36 -5.23 24.72
N PHE C 81 -2.63 -5.23 25.12
CA PHE C 81 -3.33 -3.98 25.45
C PHE C 81 -2.79 -3.35 26.73
N HIS C 82 -2.63 -2.04 26.70
CA HIS C 82 -2.22 -1.25 27.87
C HIS C 82 -3.06 0.02 27.97
N GLN C 83 -3.78 0.16 29.09
CA GLN C 83 -4.72 1.25 29.30
C GLN C 83 -4.02 2.61 29.37
N ALA C 84 -2.79 2.63 29.86
CA ALA C 84 -1.98 3.85 29.94
C ALA C 84 -1.64 4.41 28.56
N THR C 85 -1.32 3.52 27.62
CA THR C 85 -1.07 3.90 26.22
C THR C 85 -2.37 4.43 25.60
N TYR C 86 -3.47 3.73 25.90
CA TYR C 86 -4.81 4.11 25.48
C TYR C 86 -5.20 5.52 25.97
N ASN C 87 -4.90 5.80 27.24
CA ASN C 87 -5.21 7.12 27.82
C ASN C 87 -4.39 8.27 27.23
N LYS C 88 -3.21 7.93 26.70
CA LYS C 88 -2.27 8.93 26.18
C LYS C 88 -2.41 9.23 24.70
N GLN C 89 -2.72 8.21 23.90
CA GLN C 89 -2.66 8.35 22.44
C GLN C 89 -4.01 8.17 21.76
N PRO C 90 -4.54 9.26 21.17
CA PRO C 90 -5.79 9.20 20.41
C PRO C 90 -5.75 8.22 19.23
N MET C 91 -4.61 8.10 18.56
CA MET C 91 -4.48 7.17 17.43
CA MET C 91 -4.44 7.17 17.44
C MET C 91 -4.60 5.72 17.89
N TYR C 92 -4.06 5.42 19.07
CA TYR C 92 -4.18 4.09 19.68
C TYR C 92 -5.65 3.76 19.95
N ARG C 93 -6.38 4.73 20.50
CA ARG C 93 -7.83 4.57 20.76
C ARG C 93 -8.60 4.34 19.46
N LYS C 94 -8.18 5.02 18.40
CA LYS C 94 -8.74 4.84 17.06
C LYS C 94 -8.42 3.43 16.53
N ALA C 95 -7.18 2.99 16.73
CA ALA C 95 -6.73 1.67 16.31
C ALA C 95 -7.50 0.54 17.00
N ILE C 96 -7.70 0.68 18.31
CA ILE C 96 -8.52 -0.25 19.10
C ILE C 96 -9.96 -0.27 18.58
N TYR C 97 -10.53 0.91 18.39
CA TYR C 97 -11.88 1.07 17.84
C TYR C 97 -12.02 0.31 16.53
N GLU C 98 -11.10 0.53 15.60
CA GLU C 98 -11.17 -0.06 14.27
C GLU C 98 -10.99 -1.59 14.30
N VAL C 99 -10.02 -2.07 15.07
CA VAL C 99 -9.72 -3.50 15.11
C VAL C 99 -10.84 -4.30 15.80
N LEU C 100 -11.45 -3.72 16.82
CA LEU C 100 -12.54 -4.39 17.51
C LEU C 100 -13.86 -4.32 16.76
N GLN C 101 -14.05 -3.27 15.96
CA GLN C 101 -15.22 -3.18 15.07
C GLN C 101 -15.17 -4.31 14.04
N VAL C 102 -13.99 -4.54 13.46
CA VAL C 102 -13.80 -5.64 12.50
C VAL C 102 -13.95 -6.98 13.23
N ALA C 103 -13.30 -7.11 14.38
CA ALA C 103 -13.37 -8.32 15.22
C ALA C 103 -14.80 -8.74 15.56
N SER C 104 -15.58 -7.79 16.09
CA SER C 104 -16.95 -8.07 16.52
C SER C 104 -17.89 -8.36 15.35
N SER C 105 -17.60 -7.78 14.20
CA SER C 105 -18.37 -8.05 12.99
C SER C 105 -18.16 -9.51 12.55
N ARG C 106 -16.90 -9.95 12.56
CA ARG C 106 -16.56 -11.35 12.25
C ARG C 106 -17.19 -12.31 13.25
N ALA C 107 -17.11 -11.98 14.53
CA ALA C 107 -17.61 -12.83 15.61
C ALA C 107 -19.14 -12.81 15.74
N GLY C 108 -19.78 -11.84 15.12
CA GLY C 108 -21.22 -11.64 15.24
C GLY C 108 -21.61 -11.13 16.63
N LYS C 109 -20.71 -10.36 17.25
CA LYS C 109 -20.95 -9.81 18.58
C LYS C 109 -21.66 -8.46 18.49
N LEU C 110 -22.85 -8.39 19.08
CA LEU C 110 -23.70 -7.20 19.02
C LEU C 110 -23.57 -6.37 20.28
N PHE C 111 -23.50 -5.05 20.10
CA PHE C 111 -23.37 -4.11 21.22
C PHE C 111 -24.54 -3.13 21.26
N LYS C 124 -15.26 12.25 21.75
CA LYS C 124 -15.44 11.27 22.81
C LYS C 124 -16.21 10.03 22.32
N ALA C 125 -16.71 10.08 21.09
CA ALA C 125 -17.56 9.03 20.52
C ALA C 125 -16.89 7.65 20.48
N VAL C 126 -15.63 7.60 20.05
CA VAL C 126 -14.88 6.35 20.01
C VAL C 126 -14.61 5.81 21.42
N GLU C 127 -14.39 6.72 22.36
CA GLU C 127 -14.13 6.36 23.76
C GLU C 127 -15.32 5.70 24.43
N VAL C 128 -16.52 6.16 24.07
CA VAL C 128 -17.76 5.61 24.63
C VAL C 128 -18.03 4.21 24.06
N GLN C 129 -17.92 4.07 22.75
CA GLN C 129 -18.18 2.80 22.05
C GLN C 129 -17.12 1.74 22.32
N ASN C 130 -15.90 2.18 22.61
CA ASN C 130 -14.78 1.27 22.91
C ASN C 130 -14.99 0.44 24.16
N LYS C 131 -15.59 1.05 25.19
CA LYS C 131 -15.74 0.43 26.51
C LYS C 131 -16.37 -0.97 26.53
N PRO C 132 -17.56 -1.15 25.89
CA PRO C 132 -18.12 -2.51 25.84
C PRO C 132 -17.26 -3.46 25.00
N MET C 133 -16.67 -2.95 23.92
CA MET C 133 -15.81 -3.74 23.03
C MET C 133 -14.52 -4.19 23.72
N ILE C 134 -13.91 -3.29 24.49
CA ILE C 134 -12.72 -3.62 25.28
C ILE C 134 -13.06 -4.66 26.35
N GLU C 135 -14.18 -4.48 27.05
CA GLU C 135 -14.66 -5.44 28.05
C GLU C 135 -14.90 -6.82 27.45
N TRP C 136 -15.42 -6.83 26.23
CA TRP C 136 -15.64 -8.04 25.45
C TRP C 136 -14.32 -8.74 25.18
N ALA C 137 -13.30 -7.94 24.81
CA ALA C 137 -11.96 -8.46 24.52
C ALA C 137 -11.28 -9.00 25.77
N LEU C 138 -11.29 -8.19 26.83
CA LEU C 138 -10.71 -8.57 28.12
C LEU C 138 -11.37 -9.81 28.70
N GLY C 139 -12.68 -9.94 28.46
CA GLY C 139 -13.46 -11.06 28.94
C GLY C 139 -13.30 -12.34 28.14
N GLY C 140 -12.45 -12.30 27.11
CA GLY C 140 -12.12 -13.48 26.31
C GLY C 140 -12.93 -13.65 25.03
N PHE C 141 -13.46 -12.54 24.50
CA PHE C 141 -14.25 -12.53 23.27
C PHE C 141 -15.47 -13.48 23.32
N GLN C 142 -16.14 -13.50 24.46
CA GLN C 142 -17.32 -14.35 24.65
C GLN C 142 -18.53 -13.84 23.86
N PRO C 143 -19.38 -14.75 23.34
CA PRO C 143 -19.34 -16.20 23.51
C PRO C 143 -18.52 -16.96 22.46
N SER C 144 -18.10 -16.28 21.39
CA SER C 144 -17.40 -16.93 20.28
C SER C 144 -16.00 -17.42 20.65
N GLY C 145 -15.35 -16.70 21.55
CA GLY C 145 -13.93 -16.90 21.83
C GLY C 145 -13.08 -16.44 20.66
N PRO C 146 -11.77 -16.77 20.67
CA PRO C 146 -10.82 -16.40 19.62
C PRO C 146 -11.22 -16.88 18.22
N LYS C 147 -11.88 -18.03 18.13
CA LYS C 147 -12.34 -18.60 16.86
C LYS C 147 -13.15 -17.63 16.00
N GLY C 148 -13.96 -16.80 16.66
CA GLY C 148 -14.81 -15.83 15.95
C GLY C 148 -14.08 -14.67 15.30
N LEU C 149 -12.80 -14.48 15.67
CA LEU C 149 -12.02 -13.36 15.19
C LEU C 149 -11.28 -13.67 13.87
N GLU C 150 -11.32 -14.94 13.47
CA GLU C 150 -10.61 -15.41 12.28
C GLU C 150 -11.21 -14.85 10.98
N PRO C 151 -10.41 -14.79 9.90
CA PRO C 151 -10.95 -14.41 8.59
C PRO C 151 -12.11 -15.33 8.20
N PRO C 152 -13.26 -14.74 7.84
CA PRO C 152 -14.47 -15.50 7.51
C PRO C 152 -14.36 -16.20 6.14
N GLU D 10 -24.79 26.61 -6.58
CA GLU D 10 -25.67 25.65 -5.84
C GLU D 10 -24.98 25.18 -4.55
N TYR D 11 -25.76 25.17 -3.47
CA TYR D 11 -25.30 24.75 -2.14
C TYR D 11 -24.17 25.62 -1.55
N GLU D 12 -24.08 26.88 -1.99
CA GLU D 12 -23.07 27.78 -1.45
C GLU D 12 -23.54 28.39 -0.14
N ASP D 13 -23.40 27.62 0.93
CA ASP D 13 -23.84 28.03 2.27
C ASP D 13 -22.78 27.78 3.34
N GLY D 14 -21.62 27.25 2.93
CA GLY D 14 -20.52 26.99 3.85
C GLY D 14 -20.71 25.79 4.76
N ARG D 15 -21.77 25.02 4.51
CA ARG D 15 -22.11 23.88 5.35
C ARG D 15 -21.72 22.54 4.72
N GLY D 16 -20.70 22.57 3.85
CA GLY D 16 -20.14 21.36 3.24
C GLY D 16 -21.15 20.57 2.42
N PHE D 17 -20.97 19.24 2.42
CA PHE D 17 -21.84 18.33 1.68
C PHE D 17 -22.09 18.79 0.25
N GLY D 18 -21.00 19.01 -0.48
CA GLY D 18 -21.07 19.42 -1.89
C GLY D 18 -21.46 18.27 -2.79
N ILE D 19 -21.84 18.60 -4.03
CA ILE D 19 -22.20 17.62 -5.05
C ILE D 19 -21.13 16.54 -5.18
N GLY D 20 -21.57 15.28 -5.20
CA GLY D 20 -20.68 14.14 -5.40
C GLY D 20 -20.20 13.48 -4.12
N GLU D 21 -20.49 14.11 -2.98
CA GLU D 21 -20.12 13.52 -1.69
C GLU D 21 -21.00 12.32 -1.37
N LEU D 22 -20.38 11.26 -0.90
CA LEU D 22 -21.10 10.05 -0.48
C LEU D 22 -21.54 10.22 0.97
N VAL D 23 -22.83 10.04 1.22
CA VAL D 23 -23.40 10.37 2.53
C VAL D 23 -24.28 9.27 3.11
N TRP D 24 -24.54 9.38 4.41
CA TRP D 24 -25.66 8.72 5.05
C TRP D 24 -26.74 9.77 5.26
N GLY D 25 -27.99 9.42 4.94
CA GLY D 25 -29.11 10.35 5.08
C GLY D 25 -30.27 9.78 5.86
N LYS D 26 -30.84 10.59 6.75
CA LYS D 26 -31.91 10.14 7.64
C LYS D 26 -33.23 10.83 7.36
N LEU D 27 -34.19 10.06 6.86
CA LEU D 27 -35.57 10.52 6.71
C LEU D 27 -36.42 9.92 7.83
N ARG D 28 -37.42 10.68 8.28
CA ARG D 28 -38.29 10.25 9.38
C ARG D 28 -38.97 8.91 9.07
N GLY D 29 -38.76 7.94 9.93
CA GLY D 29 -39.36 6.61 9.79
C GLY D 29 -38.48 5.62 9.05
N PHE D 30 -37.31 6.06 8.63
CA PHE D 30 -36.38 5.20 7.88
C PHE D 30 -35.01 5.14 8.56
N SER D 31 -34.28 4.07 8.28
CA SER D 31 -32.90 3.91 8.75
C SER D 31 -31.97 4.91 8.07
N TRP D 32 -30.83 5.18 8.69
CA TRP D 32 -29.75 5.91 8.01
C TRP D 32 -29.47 5.13 6.73
N TRP D 33 -29.44 5.85 5.60
CA TRP D 33 -29.37 5.21 4.30
C TRP D 33 -28.27 5.81 3.42
N PRO D 34 -27.51 4.96 2.71
CA PRO D 34 -26.44 5.45 1.83
C PRO D 34 -26.98 6.23 0.62
N GLY D 35 -26.36 7.36 0.32
CA GLY D 35 -26.70 8.16 -0.84
C GLY D 35 -25.52 8.98 -1.36
N ARG D 36 -25.78 9.78 -2.39
CA ARG D 36 -24.81 10.77 -2.85
C ARG D 36 -25.48 12.10 -3.14
N ILE D 37 -24.76 13.19 -2.86
CA ILE D 37 -25.29 14.53 -3.11
C ILE D 37 -25.32 14.81 -4.60
N VAL D 38 -26.49 15.24 -5.08
CA VAL D 38 -26.67 15.56 -6.50
C VAL D 38 -27.17 16.99 -6.69
N SER D 39 -26.99 17.52 -7.89
CA SER D 39 -27.59 18.80 -8.25
C SER D 39 -29.07 18.64 -8.50
N TRP D 40 -29.80 19.73 -8.35
CA TRP D 40 -31.26 19.75 -8.52
C TRP D 40 -31.74 19.48 -9.96
N TRP D 41 -30.90 19.76 -10.95
CA TRP D 41 -31.25 19.64 -12.38
CA TRP D 41 -31.33 19.65 -12.35
C TRP D 41 -31.63 18.22 -12.80
N MET D 42 -31.13 17.23 -12.09
CA MET D 42 -31.39 15.83 -12.46
C MET D 42 -32.56 15.20 -11.71
N THR D 43 -33.18 15.97 -10.81
CA THR D 43 -34.30 15.48 -10.01
C THR D 43 -35.64 15.69 -10.71
N GLY D 44 -35.70 16.67 -11.61
CA GLY D 44 -36.94 17.05 -12.28
C GLY D 44 -37.85 17.84 -11.34
N ARG D 45 -37.29 18.24 -10.20
CA ARG D 45 -38.00 19.04 -9.22
C ARG D 45 -37.41 20.45 -9.13
N SER D 46 -37.52 21.09 -7.98
CA SER D 46 -37.07 22.46 -7.80
C SER D 46 -35.76 22.52 -7.03
N ARG D 47 -35.11 23.70 -7.06
CA ARG D 47 -33.91 23.95 -6.27
C ARG D 47 -34.17 23.67 -4.80
N ALA D 48 -33.20 23.06 -4.13
CA ALA D 48 -33.33 22.69 -2.74
C ALA D 48 -33.34 23.92 -1.83
N ALA D 49 -34.24 23.90 -0.84
CA ALA D 49 -34.37 24.98 0.12
C ALA D 49 -33.06 25.20 0.88
N GLU D 50 -32.93 26.38 1.49
CA GLU D 50 -31.73 26.76 2.23
C GLU D 50 -31.42 25.76 3.36
N GLY D 51 -30.17 25.34 3.43
CA GLY D 51 -29.72 24.39 4.46
C GLY D 51 -30.12 22.95 4.18
N THR D 52 -30.45 22.65 2.92
CA THR D 52 -30.80 21.29 2.52
C THR D 52 -30.01 20.88 1.27
N ARG D 53 -30.01 19.57 1.00
CA ARG D 53 -29.36 19.02 -0.18
C ARG D 53 -30.28 18.02 -0.86
N TRP D 54 -30.20 17.96 -2.18
CA TRP D 54 -30.79 16.83 -2.92
C TRP D 54 -29.86 15.63 -2.81
N VAL D 55 -30.39 14.53 -2.33
CA VAL D 55 -29.63 13.29 -2.31
C VAL D 55 -30.31 12.18 -3.12
N MET D 56 -29.51 11.49 -3.93
CA MET D 56 -29.93 10.32 -4.66
C MET D 56 -29.52 9.12 -3.81
N TRP D 57 -30.50 8.29 -3.45
CA TRP D 57 -30.25 7.13 -2.60
C TRP D 57 -29.73 5.98 -3.43
N PHE D 58 -28.75 5.26 -2.91
CA PHE D 58 -28.36 3.99 -3.52
C PHE D 58 -29.42 2.94 -3.20
N GLY D 59 -29.41 1.84 -3.95
CA GLY D 59 -30.45 0.82 -3.81
C GLY D 59 -31.51 0.97 -4.88
N ASP D 60 -32.28 2.06 -4.81
CA ASP D 60 -33.37 2.29 -5.76
C ASP D 60 -33.30 3.63 -6.52
N GLY D 61 -32.34 4.47 -6.16
CA GLY D 61 -32.08 5.73 -6.88
C GLY D 61 -33.11 6.83 -6.75
N LYS D 62 -33.91 6.81 -5.69
CA LYS D 62 -34.89 7.86 -5.44
C LYS D 62 -34.22 9.16 -5.03
N PHE D 63 -34.90 10.28 -5.25
CA PHE D 63 -34.40 11.59 -4.84
C PHE D 63 -35.17 12.12 -3.64
N SER D 64 -34.46 12.75 -2.72
CA SER D 64 -35.07 13.38 -1.56
C SER D 64 -34.31 14.64 -1.15
N VAL D 65 -35.06 15.64 -0.70
CA VAL D 65 -34.50 16.82 -0.04
C VAL D 65 -34.26 16.44 1.41
N VAL D 66 -33.01 16.60 1.85
CA VAL D 66 -32.62 16.28 3.23
C VAL D 66 -31.84 17.45 3.82
N CYS D 67 -32.25 17.91 5.01
CA CYS D 67 -31.53 18.96 5.76
CA CYS D 67 -31.52 18.97 5.68
C CYS D 67 -30.13 18.47 6.12
N VAL D 68 -29.17 19.39 6.14
CA VAL D 68 -27.78 19.04 6.46
C VAL D 68 -27.61 18.41 7.85
N GLU D 69 -28.50 18.75 8.78
CA GLU D 69 -28.48 18.17 10.13
C GLU D 69 -28.83 16.68 10.12
N LYS D 70 -29.49 16.23 9.05
CA LYS D 70 -29.85 14.82 8.87
C LYS D 70 -28.93 14.12 7.85
N LEU D 71 -27.73 14.67 7.68
CA LEU D 71 -26.73 14.08 6.81
C LEU D 71 -25.43 13.83 7.58
N MET D 72 -24.78 12.71 7.25
CA MET D 72 -23.44 12.42 7.75
C MET D 72 -22.57 11.96 6.59
N PRO D 73 -21.25 12.21 6.66
CA PRO D 73 -20.37 11.64 5.65
C PRO D 73 -20.37 10.12 5.73
N LEU D 74 -20.04 9.45 4.63
CA LEU D 74 -19.94 8.00 4.60
C LEU D 74 -18.96 7.46 5.65
N SER D 75 -17.95 8.27 5.97
CA SER D 75 -16.90 7.91 6.93
C SER D 75 -17.43 7.69 8.35
N SER D 76 -18.63 8.21 8.62
CA SER D 76 -19.34 7.92 9.88
C SER D 76 -20.05 6.57 9.77
N PHE D 77 -19.38 5.62 9.11
CA PHE D 77 -19.92 4.31 8.79
C PHE D 77 -20.34 3.49 10.02
N CYS D 78 -19.50 3.49 11.05
CA CYS D 78 -19.75 2.68 12.25
C CYS D 78 -20.94 3.14 13.08
N SER D 79 -21.27 4.43 13.00
CA SER D 79 -22.41 4.99 13.72
C SER D 79 -23.73 4.79 12.98
N ALA D 80 -23.65 4.59 11.66
CA ALA D 80 -24.84 4.52 10.82
C ALA D 80 -25.21 3.11 10.37
N PHE D 81 -24.20 2.29 10.09
CA PHE D 81 -24.39 0.93 9.62
C PHE D 81 -24.95 0.02 10.71
N HIS D 82 -25.96 -0.77 10.35
CA HIS D 82 -26.55 -1.76 11.25
C HIS D 82 -26.63 -3.12 10.57
N GLN D 83 -25.88 -4.09 11.11
CA GLN D 83 -25.80 -5.44 10.56
C GLN D 83 -27.15 -6.15 10.53
N ALA D 84 -27.97 -5.91 11.55
CA ALA D 84 -29.30 -6.52 11.65
C ALA D 84 -30.23 -6.05 10.53
N THR D 85 -30.16 -4.75 10.20
CA THR D 85 -30.91 -4.19 9.08
C THR D 85 -30.41 -4.77 7.75
N TYR D 86 -29.10 -4.88 7.63
CA TYR D 86 -28.44 -5.51 6.48
C TYR D 86 -28.95 -6.95 6.27
N ASN D 87 -29.02 -7.72 7.35
CA ASN D 87 -29.42 -9.13 7.27
C ASN D 87 -30.86 -9.36 6.80
N LYS D 88 -31.74 -8.38 7.06
CA LYS D 88 -33.17 -8.52 6.76
C LYS D 88 -33.63 -7.90 5.44
N GLN D 89 -32.92 -6.86 4.97
CA GLN D 89 -33.38 -6.06 3.83
C GLN D 89 -32.43 -6.11 2.63
N PRO D 90 -32.86 -6.78 1.53
CA PRO D 90 -32.06 -6.90 0.31
C PRO D 90 -31.67 -5.57 -0.34
N MET D 91 -32.54 -4.56 -0.25
CA MET D 91 -32.22 -3.27 -0.87
C MET D 91 -31.17 -2.48 -0.10
N TYR D 92 -31.15 -2.66 1.23
CA TYR D 92 -30.11 -2.10 2.08
C TYR D 92 -28.75 -2.73 1.71
N ARG D 93 -28.73 -4.05 1.53
CA ARG D 93 -27.53 -4.76 1.10
C ARG D 93 -27.02 -4.23 -0.24
N LYS D 94 -27.95 -4.02 -1.17
CA LYS D 94 -27.65 -3.45 -2.49
C LYS D 94 -27.10 -2.03 -2.39
N ALA D 95 -27.67 -1.23 -1.49
CA ALA D 95 -27.23 0.15 -1.26
C ALA D 95 -25.81 0.22 -0.69
N ILE D 96 -25.51 -0.62 0.30
CA ILE D 96 -24.18 -0.76 0.86
C ILE D 96 -23.15 -1.14 -0.22
N TYR D 97 -23.51 -2.15 -1.01
CA TYR D 97 -22.69 -2.64 -2.13
C TYR D 97 -22.32 -1.50 -3.09
N GLU D 98 -23.34 -0.75 -3.53
CA GLU D 98 -23.16 0.33 -4.48
C GLU D 98 -22.30 1.48 -3.94
N VAL D 99 -22.60 1.93 -2.72
CA VAL D 99 -21.84 3.04 -2.13
C VAL D 99 -20.37 2.67 -1.85
N LEU D 100 -20.13 1.42 -1.47
CA LEU D 100 -18.78 0.96 -1.18
C LEU D 100 -17.96 0.66 -2.45
N GLN D 101 -18.63 0.20 -3.51
CA GLN D 101 -18.00 0.06 -4.83
C GLN D 101 -17.47 1.40 -5.33
N VAL D 102 -18.31 2.44 -5.19
CA VAL D 102 -17.97 3.80 -5.58
C VAL D 102 -16.86 4.35 -4.67
N ALA D 103 -17.04 4.19 -3.37
CA ALA D 103 -16.06 4.63 -2.38
C ALA D 103 -14.69 4.00 -2.61
N SER D 104 -14.65 2.69 -2.85
CA SER D 104 -13.39 1.98 -3.06
C SER D 104 -12.70 2.36 -4.37
N SER D 105 -13.51 2.71 -5.38
CA SER D 105 -13.02 3.22 -6.65
C SER D 105 -12.26 4.55 -6.46
N ARG D 106 -12.85 5.45 -5.68
CA ARG D 106 -12.22 6.74 -5.37
C ARG D 106 -10.94 6.57 -4.55
N ALA D 107 -10.96 5.64 -3.60
CA ALA D 107 -9.83 5.42 -2.70
C ALA D 107 -8.70 4.61 -3.34
N GLY D 108 -8.99 3.96 -4.47
CA GLY D 108 -8.05 3.06 -5.11
C GLY D 108 -7.83 1.78 -4.31
N LYS D 109 -8.85 1.38 -3.56
CA LYS D 109 -8.81 0.14 -2.80
C LYS D 109 -9.35 -1.00 -3.66
N LEU D 110 -8.49 -1.99 -3.90
CA LEU D 110 -8.82 -3.08 -4.80
C LEU D 110 -9.49 -4.25 -4.08
N PHE D 111 -10.65 -4.65 -4.60
CA PHE D 111 -11.35 -5.84 -4.11
C PHE D 111 -11.52 -6.83 -5.26
N PRO D 112 -10.82 -7.98 -5.17
CA PRO D 112 -10.91 -9.02 -6.21
C PRO D 112 -12.33 -9.57 -6.33
N VAL D 113 -12.76 -9.83 -7.56
CA VAL D 113 -14.05 -10.45 -7.81
C VAL D 113 -13.94 -11.95 -7.53
N CYS D 114 -14.77 -12.44 -6.62
CA CYS D 114 -14.74 -13.82 -6.16
C CYS D 114 -15.22 -14.80 -7.25
N HIS D 115 -16.38 -14.49 -7.85
CA HIS D 115 -17.00 -15.37 -8.85
C HIS D 115 -17.35 -14.59 -10.12
N ASP D 116 -16.54 -14.78 -11.17
CA ASP D 116 -16.72 -14.04 -12.42
C ASP D 116 -16.66 -14.92 -13.67
N SER D 117 -17.00 -16.20 -13.51
CA SER D 117 -16.95 -17.15 -14.63
C SER D 117 -18.19 -17.08 -15.52
N ASP D 118 -19.36 -16.96 -14.90
CA ASP D 118 -20.64 -16.94 -15.61
C ASP D 118 -21.55 -15.81 -15.15
N GLU D 119 -22.66 -15.61 -15.86
CA GLU D 119 -23.71 -14.69 -15.44
C GLU D 119 -24.44 -15.25 -14.21
N SER D 120 -24.76 -16.54 -14.25
CA SER D 120 -25.40 -17.23 -13.13
C SER D 120 -24.45 -17.41 -11.95
N ASP D 121 -23.14 -17.29 -12.22
CA ASP D 121 -22.11 -17.38 -11.18
C ASP D 121 -22.07 -16.12 -10.31
N THR D 122 -22.67 -15.04 -10.81
CA THR D 122 -22.70 -13.75 -10.11
C THR D 122 -24.03 -13.51 -9.39
N ALA D 123 -24.76 -14.60 -9.11
CA ALA D 123 -26.10 -14.53 -8.52
C ALA D 123 -26.14 -13.87 -7.14
N LYS D 124 -25.17 -14.21 -6.28
CA LYS D 124 -25.09 -13.62 -4.95
C LYS D 124 -23.80 -12.81 -4.74
N ALA D 125 -23.44 -12.04 -5.77
CA ALA D 125 -22.28 -11.16 -5.74
C ALA D 125 -22.39 -10.11 -4.62
N VAL D 126 -23.61 -9.62 -4.38
CA VAL D 126 -23.86 -8.61 -3.36
C VAL D 126 -23.41 -9.07 -1.98
N GLU D 127 -23.94 -10.19 -1.52
CA GLU D 127 -23.62 -10.72 -0.18
C GLU D 127 -22.16 -11.13 -0.02
N VAL D 128 -21.54 -11.59 -1.10
CA VAL D 128 -20.15 -12.07 -1.05
C VAL D 128 -19.15 -10.92 -1.11
N GLN D 129 -19.31 -10.03 -2.09
CA GLN D 129 -18.40 -8.90 -2.28
C GLN D 129 -18.44 -7.90 -1.13
N ASN D 130 -19.60 -7.76 -0.49
CA ASN D 130 -19.79 -6.83 0.62
C ASN D 130 -18.94 -7.09 1.86
N LYS D 131 -18.64 -8.37 2.13
CA LYS D 131 -17.96 -8.74 3.37
C LYS D 131 -16.59 -8.06 3.57
N PRO D 132 -15.66 -8.20 2.60
CA PRO D 132 -14.40 -7.46 2.74
C PRO D 132 -14.57 -5.94 2.66
N MET D 133 -15.57 -5.47 1.91
CA MET D 133 -15.82 -4.03 1.78
C MET D 133 -16.33 -3.41 3.09
N ILE D 134 -17.21 -4.13 3.79
CA ILE D 134 -17.72 -3.69 5.09
C ILE D 134 -16.59 -3.70 6.13
N GLU D 135 -15.78 -4.76 6.11
CA GLU D 135 -14.57 -4.84 6.94
C GLU D 135 -13.63 -3.66 6.69
N TRP D 136 -13.49 -3.28 5.43
CA TRP D 136 -12.69 -2.12 5.03
C TRP D 136 -13.28 -0.85 5.62
N ALA D 137 -14.60 -0.69 5.49
CA ALA D 137 -15.32 0.44 6.07
C ALA D 137 -15.22 0.51 7.59
N LEU D 138 -15.45 -0.62 8.25
CA LEU D 138 -15.40 -0.69 9.72
C LEU D 138 -14.00 -0.38 10.28
N GLY D 139 -12.97 -0.75 9.53
CA GLY D 139 -11.58 -0.53 9.92
C GLY D 139 -11.06 0.87 9.67
N GLY D 140 -11.92 1.76 9.19
CA GLY D 140 -11.56 3.16 8.97
C GLY D 140 -11.10 3.49 7.56
N PHE D 141 -11.50 2.66 6.59
CA PHE D 141 -11.15 2.84 5.18
C PHE D 141 -9.64 2.92 4.93
N GLN D 142 -8.89 2.08 5.63
CA GLN D 142 -7.43 2.01 5.48
C GLN D 142 -7.04 1.44 4.11
N PRO D 143 -5.92 1.91 3.52
CA PRO D 143 -4.95 2.87 4.08
C PRO D 143 -5.27 4.34 3.82
N SER D 144 -6.18 4.63 2.89
CA SER D 144 -6.47 6.02 2.51
C SER D 144 -7.16 6.83 3.62
N GLY D 145 -8.01 6.15 4.40
CA GLY D 145 -8.88 6.83 5.36
C GLY D 145 -9.98 7.59 4.65
N PRO D 146 -10.78 8.38 5.42
CA PRO D 146 -11.86 9.20 4.87
C PRO D 146 -11.47 10.05 3.65
N LYS D 147 -10.21 10.48 3.58
CA LYS D 147 -9.70 11.32 2.48
C LYS D 147 -9.93 10.69 1.12
N GLY D 148 -9.77 9.38 1.04
CA GLY D 148 -9.93 8.64 -0.22
C GLY D 148 -11.35 8.58 -0.74
N LEU D 149 -12.31 8.97 0.08
CA LEU D 149 -13.74 8.85 -0.24
C LEU D 149 -14.30 10.09 -0.92
N GLU D 150 -13.52 11.17 -0.89
CA GLU D 150 -13.94 12.47 -1.41
C GLU D 150 -14.05 12.46 -2.94
N PRO D 151 -14.96 13.31 -3.49
CA PRO D 151 -15.12 13.43 -4.95
C PRO D 151 -13.85 13.93 -5.63
N PRO D 152 -13.46 13.30 -6.75
CA PRO D 152 -12.22 13.69 -7.44
C PRO D 152 -12.38 14.96 -8.28
N GLU E 10 9.31 5.69 31.14
CA GLU E 10 9.98 6.82 30.42
C GLU E 10 9.79 6.69 28.90
N TYR E 11 9.59 7.83 28.25
CA TYR E 11 9.31 7.91 26.80
C TYR E 11 8.06 7.13 26.40
N GLU E 12 6.93 7.48 27.02
CA GLU E 12 5.64 6.87 26.68
C GLU E 12 4.71 7.84 25.93
N ASP E 13 5.30 8.70 25.11
CA ASP E 13 4.55 9.67 24.30
C ASP E 13 4.11 9.10 22.95
N GLY E 14 4.53 7.88 22.64
CA GLY E 14 4.18 7.22 21.38
C GLY E 14 4.96 7.68 20.16
N ARG E 15 6.09 8.37 20.39
CA ARG E 15 6.89 8.92 19.29
C ARG E 15 8.09 8.05 18.93
N GLY E 16 8.24 6.92 19.63
CA GLY E 16 9.31 5.97 19.34
C GLY E 16 10.64 6.33 19.96
N PHE E 17 11.72 6.04 19.23
CA PHE E 17 13.10 6.31 19.67
C PHE E 17 13.35 5.89 21.11
N GLY E 18 13.18 4.59 21.37
CA GLY E 18 13.34 4.03 22.70
C GLY E 18 14.80 3.98 23.13
N ILE E 19 15.01 3.69 24.42
CA ILE E 19 16.35 3.58 25.00
C ILE E 19 17.20 2.56 24.27
N GLY E 20 18.45 2.92 24.01
CA GLY E 20 19.42 2.03 23.39
C GLY E 20 19.51 2.16 21.88
N GLU E 21 18.55 2.85 21.29
CA GLU E 21 18.52 3.02 19.85
C GLU E 21 19.60 3.98 19.39
N LEU E 22 20.31 3.60 18.33
CA LEU E 22 21.31 4.45 17.71
C LEU E 22 20.64 5.44 16.79
N VAL E 23 20.96 6.72 16.97
CA VAL E 23 20.26 7.81 16.29
C VAL E 23 21.19 8.84 15.66
N TRP E 24 20.63 9.60 14.71
CA TRP E 24 21.19 10.86 14.27
C TRP E 24 20.37 11.96 14.93
N GLY E 25 21.04 12.98 15.46
CA GLY E 25 20.36 14.08 16.13
C GLY E 25 20.76 15.43 15.56
N LYS E 26 19.77 16.29 15.35
CA LYS E 26 20.01 17.64 14.85
C LYS E 26 19.73 18.65 15.96
N LEU E 27 20.80 19.08 16.64
CA LEU E 27 20.67 20.02 17.74
C LEU E 27 20.90 21.45 17.26
N ARG E 28 19.80 22.20 17.14
CA ARG E 28 19.82 23.63 16.79
C ARG E 28 20.70 23.85 15.56
N GLY E 29 21.72 24.70 15.70
CA GLY E 29 22.57 25.08 14.57
C GLY E 29 23.66 24.10 14.18
N PHE E 30 23.77 23.00 14.92
CA PHE E 30 24.77 21.97 14.62
C PHE E 30 24.32 21.05 13.50
N SER E 31 25.29 20.31 12.94
CA SER E 31 25.01 19.26 11.95
C SER E 31 24.34 18.05 12.59
N TRP E 32 23.84 17.14 11.75
CA TRP E 32 23.38 15.84 12.20
C TRP E 32 24.57 15.11 12.83
N TRP E 33 24.40 14.64 14.07
CA TRP E 33 25.48 14.00 14.81
C TRP E 33 25.01 12.64 15.36
N PRO E 34 25.90 11.63 15.35
CA PRO E 34 25.55 10.29 15.86
C PRO E 34 25.41 10.23 17.38
N GLY E 35 24.43 9.46 17.85
CA GLY E 35 24.19 9.31 19.28
C GLY E 35 23.37 8.09 19.63
N ARG E 36 23.13 7.91 20.92
CA ARG E 36 22.24 6.84 21.39
C ARG E 36 21.28 7.36 22.45
N ILE E 37 20.05 6.89 22.38
CA ILE E 37 18.98 7.30 23.29
C ILE E 37 19.24 6.69 24.66
N VAL E 38 19.35 7.55 25.67
CA VAL E 38 19.62 7.12 27.04
C VAL E 38 18.49 7.54 27.99
N SER E 39 18.49 6.95 29.18
CA SER E 39 17.59 7.36 30.25
C SER E 39 18.08 8.67 30.87
N TRP E 40 17.15 9.42 31.46
CA TRP E 40 17.46 10.73 32.04
C TRP E 40 18.42 10.66 33.23
N TRP E 41 18.35 9.58 34.01
CA TRP E 41 19.11 9.48 35.26
C TRP E 41 20.61 9.21 35.10
N MET E 42 21.04 8.90 33.87
CA MET E 42 22.46 8.74 33.61
C MET E 42 23.10 10.05 33.16
N THR E 43 22.26 11.03 32.83
CA THR E 43 22.71 12.33 32.32
C THR E 43 23.13 13.27 33.46
N GLY E 44 22.60 13.01 34.66
CA GLY E 44 22.85 13.87 35.82
C GLY E 44 21.92 15.05 35.89
N ARG E 45 21.08 15.21 34.86
CA ARG E 45 20.13 16.31 34.75
C ARG E 45 18.72 15.81 35.11
N SER E 46 17.69 16.44 34.54
CA SER E 46 16.31 16.08 34.84
C SER E 46 15.59 15.42 33.66
N ARG E 47 14.38 14.91 33.92
CA ARG E 47 13.57 14.21 32.91
C ARG E 47 13.29 15.00 31.63
N ALA E 48 13.27 14.28 30.51
CA ALA E 48 12.94 14.87 29.22
C ALA E 48 11.44 15.06 29.11
N ALA E 49 11.05 16.24 28.63
CA ALA E 49 9.63 16.57 28.43
C ALA E 49 9.02 15.77 27.29
N GLU E 50 7.69 15.77 27.24
CA GLU E 50 6.92 15.11 26.18
C GLU E 50 7.48 15.48 24.80
N GLY E 51 7.67 14.44 23.97
CA GLY E 51 8.12 14.64 22.59
C GLY E 51 9.61 14.92 22.44
N THR E 52 10.37 14.65 23.50
CA THR E 52 11.82 14.87 23.49
C THR E 52 12.55 13.68 24.06
N ARG E 53 13.81 13.52 23.68
CA ARG E 53 14.63 12.41 24.15
C ARG E 53 15.99 12.91 24.63
N TRP E 54 16.51 12.25 25.66
CA TRP E 54 17.90 12.42 26.06
C TRP E 54 18.78 11.58 25.15
N VAL E 55 19.73 12.23 24.48
CA VAL E 55 20.72 11.52 23.69
C VAL E 55 22.14 11.80 24.17
N MET E 56 22.91 10.73 24.29
CA MET E 56 24.34 10.82 24.52
C MET E 56 25.04 10.77 23.17
N TRP E 57 25.76 11.85 22.84
CA TRP E 57 26.46 11.95 21.57
C TRP E 57 27.74 11.13 21.58
N PHE E 58 28.02 10.47 20.46
CA PHE E 58 29.32 9.84 20.29
C PHE E 58 30.35 10.92 19.96
N GLY E 59 31.62 10.59 20.13
CA GLY E 59 32.70 11.56 19.97
C GLY E 59 33.16 12.06 21.33
N ASP E 60 32.32 12.85 22.00
CA ASP E 60 32.70 13.42 23.30
C ASP E 60 31.78 13.06 24.46
N GLY E 61 30.72 12.31 24.17
CA GLY E 61 29.84 11.76 25.21
C GLY E 61 28.89 12.72 25.92
N LYS E 62 28.73 13.92 25.37
CA LYS E 62 27.83 14.92 25.97
C LYS E 62 26.36 14.51 25.90
N PHE E 63 25.56 15.02 26.83
CA PHE E 63 24.12 14.77 26.86
C PHE E 63 23.33 16.00 26.42
N SER E 64 22.28 15.76 25.62
CA SER E 64 21.38 16.83 25.18
C SER E 64 19.95 16.33 25.05
N VAL E 65 19.00 17.20 25.38
CA VAL E 65 17.58 16.97 25.10
C VAL E 65 17.31 17.36 23.65
N VAL E 66 16.71 16.45 22.89
CA VAL E 66 16.43 16.67 21.48
C VAL E 66 14.99 16.25 21.18
N CYS E 67 14.26 17.11 20.46
CA CYS E 67 12.90 16.80 20.02
CA CYS E 67 12.91 16.78 20.06
C CYS E 67 12.94 15.68 18.99
N VAL E 68 11.90 14.85 18.98
CA VAL E 68 11.84 13.70 18.07
C VAL E 68 11.80 14.12 16.59
N GLU E 69 11.32 15.33 16.32
CA GLU E 69 11.35 15.90 14.97
C GLU E 69 12.77 16.08 14.45
N LYS E 70 13.72 16.21 15.37
CA LYS E 70 15.13 16.39 15.02
C LYS E 70 15.94 15.11 15.26
N LEU E 71 15.24 13.97 15.27
CA LEU E 71 15.88 12.67 15.40
C LEU E 71 15.55 11.78 14.22
N MET E 72 16.56 11.03 13.76
CA MET E 72 16.38 9.99 12.76
C MET E 72 17.08 8.73 13.25
N PRO E 73 16.58 7.54 12.87
CA PRO E 73 17.33 6.32 13.17
C PRO E 73 18.68 6.34 12.45
N LEU E 74 19.64 5.58 12.97
CA LEU E 74 20.94 5.44 12.32
C LEU E 74 20.81 4.98 10.87
N SER E 75 19.81 4.13 10.61
CA SER E 75 19.56 3.61 9.27
C SER E 75 19.34 4.70 8.21
N SER E 76 18.97 5.90 8.64
CA SER E 76 18.86 7.06 7.75
C SER E 76 20.23 7.70 7.48
N PHE E 77 21.25 6.83 7.39
CA PHE E 77 22.64 7.23 7.25
C PHE E 77 22.91 8.19 6.09
N CYS E 78 22.44 7.82 4.90
CA CYS E 78 22.71 8.60 3.69
C CYS E 78 22.14 10.02 3.73
N SER E 79 21.04 10.19 4.47
CA SER E 79 20.37 11.48 4.61
C SER E 79 21.07 12.41 5.61
N ALA E 80 21.90 11.84 6.50
CA ALA E 80 22.50 12.61 7.58
C ALA E 80 24.02 12.76 7.46
N PHE E 81 24.67 11.74 6.91
CA PHE E 81 26.13 11.73 6.77
C PHE E 81 26.60 12.79 5.77
N HIS E 82 27.56 13.60 6.20
CA HIS E 82 28.18 14.61 5.35
C HIS E 82 29.69 14.42 5.28
N GLN E 83 30.19 14.15 4.08
CA GLN E 83 31.61 13.88 3.84
C GLN E 83 32.49 15.09 4.17
N ALA E 84 31.97 16.29 3.90
CA ALA E 84 32.70 17.53 4.17
C ALA E 84 33.02 17.67 5.65
N THR E 85 31.99 17.55 6.49
CA THR E 85 32.15 17.56 7.95
C THR E 85 33.15 16.47 8.37
N TYR E 86 33.02 15.29 7.78
CA TYR E 86 33.92 14.17 8.03
C TYR E 86 35.39 14.53 7.76
N ASN E 87 35.65 15.11 6.61
CA ASN E 87 37.03 15.46 6.20
C ASN E 87 37.67 16.56 7.07
N LYS E 88 36.84 17.38 7.71
CA LYS E 88 37.32 18.53 8.48
C LYS E 88 37.40 18.30 9.99
N GLN E 89 36.48 17.50 10.53
CA GLN E 89 36.34 17.36 11.99
C GLN E 89 36.79 15.99 12.52
N PRO E 90 37.89 15.96 13.29
CA PRO E 90 38.39 14.74 13.92
C PRO E 90 37.39 14.11 14.91
N MET E 91 36.63 14.94 15.61
CA MET E 91 35.64 14.44 16.56
CA MET E 91 35.62 14.49 16.55
C MET E 91 34.49 13.75 15.83
N TYR E 92 34.15 14.24 14.64
CA TYR E 92 33.09 13.67 13.82
C TYR E 92 33.46 12.28 13.32
N ARG E 93 34.70 12.14 12.85
CA ARG E 93 35.22 10.85 12.41
C ARG E 93 35.20 9.84 13.56
N LYS E 94 35.57 10.33 14.75
CA LYS E 94 35.57 9.51 15.96
C LYS E 94 34.14 9.06 16.28
N ALA E 95 33.19 9.99 16.21
CA ALA E 95 31.76 9.70 16.43
C ALA E 95 31.22 8.65 15.47
N ILE E 96 31.64 8.73 14.21
CA ILE E 96 31.26 7.77 13.17
C ILE E 96 31.82 6.38 13.48
N TYR E 97 33.11 6.34 13.80
CA TYR E 97 33.80 5.13 14.22
C TYR E 97 33.01 4.44 15.34
N GLU E 98 32.76 5.18 16.40
CA GLU E 98 32.09 4.65 17.59
C GLU E 98 30.70 4.10 17.30
N VAL E 99 29.87 4.87 16.59
CA VAL E 99 28.49 4.44 16.33
C VAL E 99 28.42 3.22 15.41
N LEU E 100 29.36 3.13 14.47
CA LEU E 100 29.41 2.02 13.54
C LEU E 100 30.05 0.76 14.14
N GLN E 101 30.94 0.96 15.10
CA GLN E 101 31.46 -0.17 15.90
C GLN E 101 30.32 -0.82 16.68
N VAL E 102 29.52 0.01 17.34
CA VAL E 102 28.38 -0.46 18.12
C VAL E 102 27.33 -1.12 17.20
N ALA E 103 27.08 -0.48 16.06
CA ALA E 103 26.11 -0.98 15.08
C ALA E 103 26.49 -2.33 14.47
N SER E 104 27.75 -2.46 14.07
CA SER E 104 28.24 -3.68 13.43
C SER E 104 28.30 -4.84 14.40
N SER E 105 28.50 -4.53 15.68
CA SER E 105 28.50 -5.53 16.74
C SER E 105 27.10 -6.12 16.95
N ARG E 106 26.09 -5.27 16.93
CA ARG E 106 24.70 -5.71 17.05
C ARG E 106 24.29 -6.54 15.84
N ALA E 107 24.70 -6.10 14.66
CA ALA E 107 24.35 -6.76 13.39
C ALA E 107 25.13 -8.04 13.14
N GLY E 108 26.20 -8.26 13.92
CA GLY E 108 27.12 -9.37 13.69
C GLY E 108 27.83 -9.19 12.36
N LYS E 109 28.06 -7.93 11.97
CA LYS E 109 28.75 -7.62 10.74
C LYS E 109 30.25 -7.59 11.00
N LEU E 110 30.96 -8.53 10.39
CA LEU E 110 32.39 -8.67 10.61
C LEU E 110 33.19 -7.93 9.54
N PHE E 111 34.20 -7.20 9.98
CA PHE E 111 35.07 -6.46 9.08
C PHE E 111 36.50 -6.99 9.12
N PRO E 112 37.10 -7.25 7.94
CA PRO E 112 38.48 -7.69 7.84
C PRO E 112 39.47 -6.56 8.16
N ALA E 123 44.17 8.64 14.96
CA ALA E 123 43.27 9.29 14.02
C ALA E 123 43.32 8.66 12.63
N LYS E 124 44.51 8.21 12.24
CA LYS E 124 44.71 7.53 10.96
C LYS E 124 44.05 6.16 10.95
N ALA E 125 44.17 5.43 12.07
CA ALA E 125 43.55 4.12 12.24
C ALA E 125 42.02 4.21 12.20
N VAL E 126 41.48 5.29 12.76
CA VAL E 126 40.05 5.58 12.69
C VAL E 126 39.63 5.76 11.23
N GLU E 127 40.39 6.55 10.48
CA GLU E 127 40.11 6.83 9.07
C GLU E 127 40.15 5.58 8.19
N VAL E 128 41.10 4.69 8.46
CA VAL E 128 41.28 3.46 7.69
C VAL E 128 40.13 2.48 7.95
N GLN E 129 39.87 2.21 9.23
CA GLN E 129 38.83 1.26 9.64
C GLN E 129 37.40 1.74 9.35
N ASN E 130 37.21 3.06 9.28
CA ASN E 130 35.91 3.66 8.98
C ASN E 130 35.39 3.34 7.58
N LYS E 131 36.28 3.36 6.61
CA LYS E 131 35.91 3.20 5.20
C LYS E 131 35.05 1.95 4.92
N PRO E 132 35.48 0.75 5.37
CA PRO E 132 34.61 -0.42 5.21
C PRO E 132 33.28 -0.29 5.95
N MET E 133 33.31 0.32 7.13
CA MET E 133 32.10 0.48 7.93
C MET E 133 31.13 1.50 7.32
N ILE E 134 31.69 2.58 6.78
CA ILE E 134 30.91 3.59 6.06
C ILE E 134 30.24 3.00 4.81
N GLU E 135 31.00 2.20 4.05
CA GLU E 135 30.47 1.54 2.85
C GLU E 135 29.33 0.59 3.19
N TRP E 136 29.46 -0.09 4.32
CA TRP E 136 28.42 -0.97 4.85
C TRP E 136 27.15 -0.16 5.15
N ALA E 137 27.33 0.96 5.83
CA ALA E 137 26.21 1.87 6.14
C ALA E 137 25.55 2.38 4.86
N LEU E 138 26.35 2.93 3.95
CA LEU E 138 25.84 3.49 2.69
C LEU E 138 25.17 2.44 1.81
N GLY E 139 25.62 1.19 1.91
CA GLY E 139 25.06 0.09 1.14
C GLY E 139 23.75 -0.44 1.69
N GLY E 140 23.27 0.15 2.79
CA GLY E 140 22.01 -0.26 3.42
C GLY E 140 22.16 -1.29 4.52
N PHE E 141 23.34 -1.33 5.14
CA PHE E 141 23.64 -2.24 6.26
C PHE E 141 23.43 -3.72 5.93
N GLN E 142 23.80 -4.12 4.71
CA GLN E 142 23.68 -5.51 4.25
C GLN E 142 24.66 -6.44 4.99
N PRO E 143 24.25 -7.69 5.27
CA PRO E 143 22.99 -8.31 4.85
C PRO E 143 21.82 -8.16 5.83
N SER E 144 22.09 -7.70 7.05
CA SER E 144 21.04 -7.61 8.08
C SER E 144 19.99 -6.53 7.80
N GLY E 145 20.40 -5.45 7.14
CA GLY E 145 19.57 -4.26 7.00
C GLY E 145 19.42 -3.52 8.32
N PRO E 146 18.51 -2.54 8.38
CA PRO E 146 18.23 -1.74 9.58
C PRO E 146 17.88 -2.54 10.84
N LYS E 147 17.20 -3.67 10.66
CA LYS E 147 16.79 -4.55 11.77
C LYS E 147 17.98 -5.03 12.62
N GLY E 148 19.13 -5.20 11.99
CA GLY E 148 20.35 -5.63 12.68
C GLY E 148 20.96 -4.60 13.62
N LEU E 149 20.49 -3.36 13.53
CA LEU E 149 21.04 -2.25 14.32
C LEU E 149 20.31 -2.02 15.64
N GLU E 150 19.20 -2.73 15.81
CA GLU E 150 18.35 -2.62 17.00
C GLU E 150 19.07 -3.12 18.27
N PRO E 151 18.67 -2.59 19.45
CA PRO E 151 19.21 -3.08 20.72
C PRO E 151 18.95 -4.58 20.89
N PRO E 152 19.95 -5.32 21.42
CA PRO E 152 19.78 -6.77 21.62
C PRO E 152 18.91 -7.11 22.81
C1 BTB F . 16.70 -9.59 -6.48
O1 BTB F . 16.03 -10.08 -7.65
C2 BTB F . 17.24 -10.73 -5.62
C3 BTB F . 16.04 -11.49 -5.03
O3 BTB F . 15.39 -10.76 -3.99
C4 BTB F . 18.14 -10.22 -4.50
O4 BTB F . 17.87 -8.85 -4.19
N BTB F . 18.04 -11.64 -6.50
C5 BTB F . 18.50 -12.85 -5.79
C6 BTB F . 17.87 -14.10 -6.40
O6 BTB F . 16.87 -13.73 -7.35
C7 BTB F . 19.21 -10.92 -7.06
C8 BTB F . 19.63 -11.51 -8.40
O8 BTB F . 18.61 -11.29 -9.37
C1 BTB G . -9.28 -7.06 -26.88
O1 BTB G . -8.60 -8.20 -26.35
C2 BTB G . -10.05 -7.42 -28.15
C3 BTB G . -9.04 -7.68 -29.27
O3 BTB G . -8.41 -6.47 -29.73
C4 BTB G . -10.97 -6.24 -28.47
O4 BTB G . -11.52 -6.31 -29.80
N BTB G . -10.84 -8.67 -27.91
C5 BTB G . -11.56 -9.15 -29.12
C6 BTB G . -10.98 -10.49 -29.61
O6 BTB G . -10.94 -10.45 -31.04
C7 BTB G . -11.82 -8.52 -26.82
C8 BTB G . -11.60 -9.61 -25.79
O8 BTB G . -12.22 -10.81 -26.24
S SO4 H . -13.11 -18.86 -26.81
O1 SO4 H . -13.63 -18.38 -25.54
O2 SO4 H . -11.77 -18.30 -27.03
O3 SO4 H . -13.03 -20.32 -26.79
O4 SO4 H . -14.00 -18.45 -27.89
C1 BTB I . 2.47 5.27 14.01
O1 BTB I . 2.22 5.41 12.61
C2 BTB I . 2.22 3.84 14.51
C3 BTB I . 0.97 3.20 13.88
O3 BTB I . 1.00 3.16 12.45
C4 BTB I . 1.95 3.92 16.00
O4 BTB I . 2.83 4.87 16.63
N BTB I . 3.45 2.97 14.42
C5 BTB I . 4.69 3.67 14.00
C6 BTB I . 5.01 3.55 12.51
O6 BTB I . 6.33 3.01 12.35
C7 BTB I . 3.26 1.69 13.71
C8 BTB I . 3.17 0.56 14.72
O8 BTB I . 4.26 0.64 15.64
C1 BTB J . -34.45 4.07 -0.10
O1 BTB J . -34.31 4.85 -1.29
C2 BTB J . -35.82 4.30 0.52
C3 BTB J . -36.08 3.33 1.68
O3 BTB J . -35.05 3.35 2.67
C4 BTB J . -36.88 4.04 -0.54
O4 BTB J . -37.37 2.71 -0.47
N BTB J . -35.98 5.74 0.93
C5 BTB J . -34.74 6.46 1.35
C6 BTB J . -34.23 6.17 2.77
O6 BTB J . -34.72 7.16 3.68
C7 BTB J . -37.08 5.95 1.90
C8 BTB J . -38.23 6.74 1.27
O8 BTB J . -37.83 7.24 -0.02
C1 BTB K . 29.37 16.59 20.07
O1 BTB K . 28.70 16.27 21.30
C2 BTB K . 29.13 18.05 19.67
C3 BTB K . 29.69 18.24 18.27
O3 BTB K . 29.18 19.42 17.62
C4 BTB K . 29.83 18.99 20.65
O4 BTB K . 31.25 18.83 20.63
N BTB K . 27.65 18.28 19.75
C5 BTB K . 26.98 17.79 18.51
C6 BTB K . 25.51 17.47 18.73
O6 BTB K . 24.74 18.53 18.14
C7 BTB K . 27.30 19.69 20.02
C8 BTB K . 26.38 19.81 21.24
O8 BTB K . 26.98 19.23 22.40
#